data_2NA2
#
_entry.id   2NA2
#
_entity_poly.entity_id   1
_entity_poly.type   'polypeptide(L)'
_entity_poly.pdbx_seq_one_letter_code
;GPGNDPISQLQQCCLTLRTEGKEPDIPLYKTLQTVGPSHARTYTVAVYFKGERIGCGKGPSKKQAKMGAAMDALEKYNFP
QM
;
_entity_poly.pdbx_strand_id   A
#
# COMPACT_ATOMS: atom_id res chain seq x y z
N GLY A 1 3.43 10.48 18.18
CA GLY A 1 3.93 9.27 18.88
C GLY A 1 4.99 8.58 18.00
N PRO A 2 4.56 7.90 16.98
CA PRO A 2 5.48 7.19 16.04
C PRO A 2 6.32 8.17 15.21
N GLY A 3 5.85 9.40 15.11
CA GLY A 3 6.56 10.43 14.34
C GLY A 3 6.18 10.34 12.86
N ASN A 4 6.79 11.20 12.05
CA ASN A 4 6.51 11.22 10.62
C ASN A 4 7.43 10.26 9.88
N ASP A 5 7.14 8.96 10.00
CA ASP A 5 7.94 7.93 9.34
C ASP A 5 7.05 6.83 8.79
N PRO A 6 6.30 7.13 7.76
CA PRO A 6 5.37 6.14 7.13
C PRO A 6 6.11 4.89 6.66
N ILE A 7 5.48 3.73 6.85
CA ILE A 7 6.08 2.47 6.43
C ILE A 7 6.11 2.38 4.90
N SER A 8 5.39 3.27 4.25
CA SER A 8 5.35 3.25 2.79
C SER A 8 6.75 3.43 2.24
N GLN A 9 7.63 4.03 3.04
CA GLN A 9 9.00 4.23 2.60
C GLN A 9 9.70 2.91 2.39
N LEU A 10 9.64 2.04 3.40
CA LEU A 10 10.27 0.73 3.30
C LEU A 10 9.57 -0.13 2.26
N GLN A 11 8.25 -0.19 2.36
CA GLN A 11 7.45 -0.99 1.44
C GLN A 11 7.67 -0.54 0.01
N GLN A 12 8.16 0.68 -0.16
CA GLN A 12 8.40 1.21 -1.49
C GLN A 12 9.34 0.29 -2.27
N CYS A 13 10.40 -0.17 -1.62
CA CYS A 13 11.35 -1.07 -2.27
C CYS A 13 10.68 -2.41 -2.59
N CYS A 14 9.85 -2.87 -1.67
CA CYS A 14 9.15 -4.14 -1.85
C CYS A 14 8.27 -4.11 -3.09
N LEU A 15 7.60 -2.98 -3.31
CA LEU A 15 6.72 -2.84 -4.47
C LEU A 15 7.45 -3.27 -5.74
N THR A 16 8.67 -2.77 -5.91
CA THR A 16 9.44 -3.12 -7.09
C THR A 16 9.92 -4.56 -7.00
N LEU A 17 10.28 -4.97 -5.80
CA LEU A 17 10.76 -6.33 -5.58
C LEU A 17 11.83 -6.71 -6.62
N ARG A 18 13.03 -6.17 -6.45
CA ARG A 18 14.10 -6.48 -7.38
C ARG A 18 14.65 -7.87 -7.11
N THR A 19 14.32 -8.83 -7.99
CA THR A 19 14.79 -10.20 -7.83
C THR A 19 15.18 -10.79 -9.19
N GLU A 20 16.34 -11.45 -9.24
CA GLU A 20 16.80 -12.05 -10.47
C GLU A 20 15.92 -13.25 -10.84
N GLY A 21 15.58 -13.34 -12.12
CA GLY A 21 14.74 -14.45 -12.59
C GLY A 21 13.26 -14.12 -12.46
N LYS A 22 12.98 -13.00 -11.78
CA LYS A 22 11.59 -12.57 -11.57
C LYS A 22 11.13 -11.68 -12.71
N GLU A 23 9.91 -11.89 -13.16
CA GLU A 23 9.37 -11.10 -14.26
C GLU A 23 9.24 -9.62 -13.86
N PRO A 24 9.39 -8.71 -14.79
CA PRO A 24 9.26 -7.24 -14.51
C PRO A 24 7.82 -6.84 -14.18
N ASP A 25 7.68 -5.83 -13.34
CA ASP A 25 6.37 -5.35 -12.96
C ASP A 25 6.45 -3.92 -12.44
N ILE A 26 5.37 -3.16 -12.61
CA ILE A 26 5.33 -1.78 -12.14
C ILE A 26 4.02 -1.49 -11.41
N PRO A 27 3.97 -1.71 -10.12
CA PRO A 27 2.75 -1.44 -9.32
C PRO A 27 2.65 0.03 -8.92
N LEU A 28 1.43 0.53 -8.79
CA LEU A 28 1.21 1.92 -8.41
C LEU A 28 0.07 2.02 -7.42
N TYR A 29 0.28 2.78 -6.34
CA TYR A 29 -0.75 2.97 -5.32
C TYR A 29 -1.57 4.22 -5.61
N LYS A 30 -2.88 4.05 -5.72
CA LYS A 30 -3.79 5.17 -6.00
C LYS A 30 -5.15 4.92 -5.37
N THR A 31 -5.85 6.00 -5.02
CA THR A 31 -7.17 5.87 -4.41
C THR A 31 -8.04 4.96 -5.26
N LEU A 32 -8.66 3.98 -4.62
CA LEU A 32 -9.52 3.04 -5.35
C LEU A 32 -10.94 3.59 -5.43
N GLN A 33 -11.48 3.94 -4.27
CA GLN A 33 -12.83 4.46 -4.20
C GLN A 33 -13.07 5.18 -2.88
N THR A 34 -14.01 6.11 -2.87
CA THR A 34 -14.33 6.86 -1.66
C THR A 34 -15.69 6.43 -1.13
N VAL A 35 -15.84 6.44 0.20
CA VAL A 35 -17.10 6.05 0.83
C VAL A 35 -17.44 6.99 1.98
N GLY A 36 -18.68 6.93 2.44
CA GLY A 36 -19.13 7.78 3.53
C GLY A 36 -19.26 9.25 3.08
N PRO A 37 -19.76 9.48 1.88
CA PRO A 37 -19.93 10.85 1.34
C PRO A 37 -21.00 11.65 2.11
N SER A 38 -21.86 10.92 2.82
CA SER A 38 -22.93 11.56 3.58
C SER A 38 -22.36 12.52 4.62
N HIS A 39 -21.32 12.07 5.34
CA HIS A 39 -20.67 12.88 6.36
C HIS A 39 -19.21 13.11 6.01
N ALA A 40 -18.31 12.47 6.75
CA ALA A 40 -16.89 12.62 6.50
C ALA A 40 -16.47 11.76 5.32
N ARG A 41 -15.74 12.37 4.39
CA ARG A 41 -15.28 11.64 3.20
C ARG A 41 -14.08 10.76 3.56
N THR A 42 -14.10 9.52 3.07
CA THR A 42 -13.01 8.58 3.33
C THR A 42 -12.45 8.06 2.01
N TYR A 43 -11.15 7.78 2.00
CA TYR A 43 -10.48 7.27 0.81
C TYR A 43 -10.01 5.84 1.03
N THR A 44 -10.31 4.98 0.06
CA THR A 44 -9.91 3.58 0.13
C THR A 44 -8.90 3.28 -0.95
N VAL A 45 -7.75 2.73 -0.55
CA VAL A 45 -6.69 2.39 -1.49
C VAL A 45 -6.23 0.95 -1.29
N ALA A 46 -5.81 0.32 -2.38
CA ALA A 46 -5.34 -1.07 -2.34
C ALA A 46 -4.16 -1.26 -3.26
N VAL A 47 -3.05 -1.72 -2.70
CA VAL A 47 -1.85 -1.95 -3.49
C VAL A 47 -1.89 -3.36 -4.07
N TYR A 48 -1.68 -3.45 -5.39
CA TYR A 48 -1.70 -4.73 -6.10
C TYR A 48 -0.31 -5.07 -6.61
N PHE A 49 0.03 -6.36 -6.54
CA PHE A 49 1.34 -6.83 -6.99
C PHE A 49 1.22 -8.21 -7.60
N LYS A 50 1.79 -8.37 -8.79
CA LYS A 50 1.74 -9.66 -9.48
C LYS A 50 0.30 -10.10 -9.71
N GLY A 51 -0.63 -9.14 -9.62
CA GLY A 51 -2.04 -9.46 -9.83
C GLY A 51 -2.71 -9.87 -8.52
N GLU A 52 -2.02 -9.63 -7.39
CA GLU A 52 -2.56 -9.98 -6.08
C GLU A 52 -2.39 -8.82 -5.11
N ARG A 53 -3.37 -8.63 -4.23
CA ARG A 53 -3.32 -7.57 -3.24
C ARG A 53 -2.18 -7.80 -2.27
N ILE A 54 -1.32 -6.80 -2.13
CA ILE A 54 -0.19 -6.91 -1.22
C ILE A 54 -0.44 -6.09 0.05
N GLY A 55 -1.25 -5.04 -0.08
CA GLY A 55 -1.57 -4.19 1.06
C GLY A 55 -2.78 -3.31 0.77
N CYS A 56 -3.55 -3.01 1.81
CA CYS A 56 -4.75 -2.19 1.66
C CYS A 56 -5.07 -1.48 2.96
N GLY A 57 -5.49 -0.22 2.85
CA GLY A 57 -5.84 0.57 4.04
C GLY A 57 -6.87 1.63 3.70
N LYS A 58 -7.38 2.31 4.73
CA LYS A 58 -8.39 3.35 4.53
C LYS A 58 -8.19 4.48 5.55
N GLY A 59 -8.63 5.67 5.17
CA GLY A 59 -8.50 6.82 6.05
C GLY A 59 -9.14 8.06 5.42
N PRO A 60 -9.20 9.13 6.16
CA PRO A 60 -9.80 10.42 5.68
C PRO A 60 -8.93 11.10 4.63
N SER A 61 -7.74 10.57 4.41
CA SER A 61 -6.82 11.15 3.44
C SER A 61 -5.93 10.07 2.84
N LYS A 62 -5.42 10.34 1.65
CA LYS A 62 -4.56 9.40 0.96
C LYS A 62 -3.29 9.15 1.75
N LYS A 63 -2.72 10.21 2.33
CA LYS A 63 -1.49 10.07 3.10
C LYS A 63 -1.70 9.10 4.25
N GLN A 64 -2.80 9.25 4.95
CA GLN A 64 -3.09 8.36 6.07
C GLN A 64 -3.47 6.97 5.56
N ALA A 65 -4.24 6.93 4.49
CA ALA A 65 -4.68 5.67 3.90
C ALA A 65 -3.51 4.86 3.37
N LYS A 66 -2.59 5.53 2.68
CA LYS A 66 -1.45 4.84 2.12
C LYS A 66 -0.57 4.25 3.22
N MET A 67 -0.43 5.02 4.30
CA MET A 67 0.40 4.59 5.41
C MET A 67 -0.12 3.28 5.97
N GLY A 68 -1.43 3.22 6.14
CA GLY A 68 -2.07 2.02 6.65
C GLY A 68 -1.93 0.87 5.68
N ALA A 69 -2.09 1.15 4.39
CA ALA A 69 -1.98 0.12 3.37
C ALA A 69 -0.58 -0.49 3.37
N ALA A 70 0.43 0.35 3.44
CA ALA A 70 1.81 -0.13 3.46
C ALA A 70 2.05 -0.99 4.70
N MET A 71 1.54 -0.52 5.83
CA MET A 71 1.70 -1.23 7.09
C MET A 71 1.01 -2.58 7.02
N ASP A 72 -0.14 -2.63 6.35
CA ASP A 72 -0.88 -3.87 6.22
C ASP A 72 -0.02 -4.93 5.54
N ALA A 73 0.65 -4.54 4.46
CA ALA A 73 1.52 -5.46 3.74
C ALA A 73 2.63 -5.94 4.65
N LEU A 74 3.17 -5.01 5.43
CA LEU A 74 4.25 -5.35 6.35
C LEU A 74 3.80 -6.41 7.33
N GLU A 75 2.61 -6.23 7.88
CA GLU A 75 2.06 -7.19 8.83
C GLU A 75 1.83 -8.55 8.17
N LYS A 76 1.37 -8.52 6.93
CA LYS A 76 1.10 -9.75 6.20
C LYS A 76 2.40 -10.35 5.67
N TYR A 77 3.48 -9.58 5.76
CA TYR A 77 4.78 -10.03 5.29
C TYR A 77 4.78 -10.17 3.77
N ASN A 78 5.82 -9.65 3.14
CA ASN A 78 5.93 -9.70 1.68
C ASN A 78 6.41 -11.08 1.24
N PHE A 79 5.90 -11.54 0.10
CA PHE A 79 6.27 -12.85 -0.43
C PHE A 79 6.32 -13.89 0.69
N PRO A 80 5.19 -14.21 1.26
CA PRO A 80 5.09 -15.21 2.37
C PRO A 80 5.65 -16.57 1.97
N GLN A 81 6.34 -17.22 2.90
CA GLN A 81 6.91 -18.53 2.64
C GLN A 81 7.26 -19.24 3.94
N MET A 82 6.76 -20.45 4.11
CA MET A 82 7.03 -21.22 5.33
C MET A 82 8.34 -22.01 5.19
N GLY A 1 5.33 15.26 11.75
CA GLY A 1 4.84 14.26 12.74
C GLY A 1 6.01 13.46 13.29
N PRO A 2 6.79 14.06 14.15
CA PRO A 2 7.97 13.40 14.76
C PRO A 2 7.59 12.10 15.48
N GLY A 3 8.43 11.08 15.31
CA GLY A 3 8.17 9.79 15.94
C GLY A 3 7.05 9.04 15.23
N ASN A 4 6.60 9.59 14.11
CA ASN A 4 5.52 8.97 13.34
C ASN A 4 5.79 9.09 11.86
N ASP A 5 5.95 7.95 11.20
CA ASP A 5 6.21 7.96 9.76
C ASP A 5 5.44 6.82 9.07
N PRO A 6 5.02 7.03 7.85
CA PRO A 6 4.27 6.00 7.07
C PRO A 6 5.17 4.85 6.61
N ILE A 7 4.64 3.64 6.69
CA ILE A 7 5.38 2.45 6.28
C ILE A 7 5.61 2.47 4.77
N SER A 8 4.81 3.24 4.06
CA SER A 8 4.92 3.32 2.62
C SER A 8 6.37 3.55 2.23
N GLN A 9 7.11 4.28 3.07
CA GLN A 9 8.52 4.52 2.78
C GLN A 9 9.30 3.22 2.71
N LEU A 10 9.04 2.32 3.65
CA LEU A 10 9.70 1.03 3.67
C LEU A 10 9.13 0.13 2.58
N GLN A 11 7.81 0.21 2.40
CA GLN A 11 7.13 -0.61 1.40
C GLN A 11 7.74 -0.39 0.02
N GLN A 12 8.33 0.78 -0.18
CA GLN A 12 8.93 1.12 -1.47
C GLN A 12 9.90 0.03 -1.90
N CYS A 13 10.63 -0.53 -0.94
CA CYS A 13 11.58 -1.59 -1.25
C CYS A 13 10.88 -2.80 -1.88
N CYS A 14 9.78 -3.22 -1.27
CA CYS A 14 9.03 -4.36 -1.77
C CYS A 14 8.51 -4.10 -3.18
N LEU A 15 8.03 -2.89 -3.41
CA LEU A 15 7.47 -2.54 -4.71
C LEU A 15 8.52 -2.63 -5.80
N THR A 16 9.72 -2.14 -5.51
CA THR A 16 10.81 -2.16 -6.49
C THR A 16 11.51 -3.51 -6.47
N LEU A 17 11.13 -4.36 -5.53
CA LEU A 17 11.76 -5.68 -5.42
C LEU A 17 11.26 -6.60 -6.53
N ARG A 18 12.04 -6.69 -7.61
CA ARG A 18 11.70 -7.56 -8.72
C ARG A 18 11.87 -9.02 -8.33
N THR A 19 11.07 -9.90 -8.93
CA THR A 19 11.14 -11.33 -8.63
C THR A 19 12.05 -12.05 -9.62
N GLU A 20 13.10 -12.67 -9.09
CA GLU A 20 14.04 -13.40 -9.93
C GLU A 20 13.37 -14.65 -10.50
N GLY A 21 13.65 -14.94 -11.77
CA GLY A 21 13.07 -16.10 -12.43
C GLY A 21 11.71 -15.77 -13.02
N LYS A 22 11.29 -14.52 -12.89
CA LYS A 22 10.01 -14.07 -13.42
C LYS A 22 10.14 -12.73 -14.10
N GLU A 23 9.23 -12.44 -15.03
CA GLU A 23 9.28 -11.20 -15.77
C GLU A 23 9.04 -10.02 -14.82
N PRO A 24 9.63 -8.87 -15.11
CA PRO A 24 9.47 -7.66 -14.27
C PRO A 24 8.03 -7.15 -14.28
N ASP A 25 7.72 -6.29 -13.32
CA ASP A 25 6.38 -5.73 -13.21
C ASP A 25 6.42 -4.34 -12.59
N ILE A 26 5.31 -3.62 -12.68
CA ILE A 26 5.23 -2.26 -12.13
C ILE A 26 4.00 -2.12 -11.24
N PRO A 27 4.14 -2.38 -9.96
CA PRO A 27 3.00 -2.28 -9.01
C PRO A 27 2.68 -0.82 -8.65
N LEU A 28 1.41 -0.48 -8.68
CA LEU A 28 0.98 0.88 -8.36
C LEU A 28 -0.27 0.84 -7.51
N TYR A 29 -0.38 1.80 -6.59
CA TYR A 29 -1.54 1.89 -5.71
C TYR A 29 -2.65 2.72 -6.35
N LYS A 30 -3.89 2.22 -6.25
CA LYS A 30 -5.03 2.93 -6.82
C LYS A 30 -6.23 2.82 -5.89
N THR A 31 -7.04 3.87 -5.85
CA THR A 31 -8.24 3.89 -5.00
C THR A 31 -9.49 3.73 -5.85
N LEU A 32 -10.15 2.58 -5.73
CA LEU A 32 -11.37 2.32 -6.49
C LEU A 32 -12.58 2.39 -5.59
N GLN A 33 -12.42 1.90 -4.36
CA GLN A 33 -13.51 1.91 -3.40
C GLN A 33 -13.55 3.24 -2.67
N THR A 34 -14.76 3.73 -2.40
CA THR A 34 -14.94 5.00 -1.69
C THR A 34 -15.76 4.80 -0.43
N VAL A 35 -15.45 5.57 0.60
CA VAL A 35 -16.14 5.47 1.88
C VAL A 35 -16.45 6.86 2.44
N GLY A 36 -17.41 6.92 3.35
CA GLY A 36 -17.79 8.18 3.95
C GLY A 36 -18.60 9.02 2.97
N PRO A 37 -19.91 8.86 2.96
CA PRO A 37 -20.81 9.61 2.04
C PRO A 37 -20.62 11.12 2.13
N SER A 38 -21.73 11.85 2.14
CA SER A 38 -21.67 13.29 2.22
C SER A 38 -20.95 13.74 3.48
N HIS A 39 -21.21 13.03 4.58
CA HIS A 39 -20.59 13.36 5.86
C HIS A 39 -19.08 13.58 5.70
N ALA A 40 -18.29 12.65 6.23
CA ALA A 40 -16.83 12.75 6.11
C ALA A 40 -16.34 12.13 4.81
N ARG A 41 -15.42 12.81 4.15
CA ARG A 41 -14.87 12.31 2.88
C ARG A 41 -13.70 11.36 3.16
N THR A 42 -13.86 10.10 2.78
CA THR A 42 -12.81 9.10 2.97
C THR A 42 -12.61 8.28 1.70
N TYR A 43 -11.39 7.81 1.48
CA TYR A 43 -11.07 7.00 0.30
C TYR A 43 -10.25 5.79 0.68
N THR A 44 -10.37 4.71 -0.09
CA THR A 44 -9.62 3.48 0.19
C THR A 44 -8.59 3.24 -0.91
N VAL A 45 -7.36 3.00 -0.50
CA VAL A 45 -6.27 2.74 -1.46
C VAL A 45 -5.90 1.27 -1.45
N ALA A 46 -6.00 0.63 -2.61
CA ALA A 46 -5.67 -0.78 -2.73
C ALA A 46 -4.35 -0.96 -3.47
N VAL A 47 -3.38 -1.58 -2.81
CA VAL A 47 -2.07 -1.80 -3.42
C VAL A 47 -2.08 -3.12 -4.19
N TYR A 48 -1.70 -3.07 -5.46
CA TYR A 48 -1.66 -4.27 -6.29
C TYR A 48 -0.22 -4.73 -6.49
N PHE A 49 0.00 -6.03 -6.33
CA PHE A 49 1.34 -6.60 -6.49
C PHE A 49 1.25 -7.99 -7.11
N LYS A 50 1.84 -8.15 -8.28
CA LYS A 50 1.83 -9.43 -8.97
C LYS A 50 0.42 -9.77 -9.44
N GLY A 51 -0.43 -8.75 -9.52
CA GLY A 51 -1.80 -8.97 -9.95
C GLY A 51 -2.69 -9.39 -8.78
N GLU A 52 -2.16 -9.24 -7.56
CA GLU A 52 -2.91 -9.61 -6.36
C GLU A 52 -2.75 -8.54 -5.28
N ARG A 53 -3.77 -8.39 -4.45
CA ARG A 53 -3.73 -7.39 -3.39
C ARG A 53 -2.69 -7.76 -2.36
N ILE A 54 -1.95 -6.77 -1.87
CA ILE A 54 -0.91 -7.01 -0.86
C ILE A 54 -1.15 -6.12 0.36
N GLY A 55 -1.91 -5.04 0.17
CA GLY A 55 -2.19 -4.13 1.27
C GLY A 55 -3.33 -3.18 0.90
N CYS A 56 -4.08 -2.75 1.90
CA CYS A 56 -5.21 -1.85 1.67
C CYS A 56 -5.47 -0.99 2.91
N GLY A 57 -5.76 0.28 2.68
CA GLY A 57 -6.02 1.20 3.79
C GLY A 57 -6.97 2.32 3.36
N LYS A 58 -7.57 2.99 4.33
CA LYS A 58 -8.50 4.08 4.04
C LYS A 58 -8.41 5.16 5.10
N GLY A 59 -8.83 6.37 4.74
CA GLY A 59 -8.79 7.48 5.68
C GLY A 59 -9.20 8.79 4.99
N PRO A 60 -9.24 9.86 5.74
CA PRO A 60 -9.62 11.21 5.21
C PRO A 60 -8.57 11.76 4.27
N SER A 61 -7.43 11.09 4.19
CA SER A 61 -6.33 11.53 3.33
C SER A 61 -5.50 10.35 2.87
N LYS A 62 -4.75 10.55 1.80
CA LYS A 62 -3.91 9.50 1.24
C LYS A 62 -2.85 9.07 2.27
N LYS A 63 -2.32 10.03 3.00
CA LYS A 63 -1.29 9.75 3.98
C LYS A 63 -1.79 8.71 5.00
N GLN A 64 -3.00 8.92 5.51
CA GLN A 64 -3.56 8.00 6.48
C GLN A 64 -3.78 6.63 5.86
N ALA A 65 -4.31 6.61 4.63
CA ALA A 65 -4.56 5.35 3.94
C ALA A 65 -3.26 4.61 3.66
N LYS A 66 -2.25 5.35 3.23
CA LYS A 66 -0.95 4.74 2.95
C LYS A 66 -0.36 4.13 4.20
N MET A 67 -0.52 4.80 5.32
CA MET A 67 0.02 4.30 6.58
C MET A 67 -0.55 2.92 6.89
N GLY A 68 -1.87 2.79 6.82
CA GLY A 68 -2.50 1.51 7.08
C GLY A 68 -2.25 0.52 5.95
N ALA A 69 -2.38 0.99 4.71
CA ALA A 69 -2.17 0.13 3.55
C ALA A 69 -0.75 -0.39 3.50
N ALA A 70 0.21 0.52 3.65
CA ALA A 70 1.63 0.14 3.61
C ALA A 70 1.96 -0.82 4.75
N MET A 71 1.51 -0.49 5.95
CA MET A 71 1.75 -1.33 7.10
C MET A 71 1.11 -2.70 6.92
N ASP A 72 -0.08 -2.72 6.31
CA ASP A 72 -0.80 -3.96 6.09
C ASP A 72 0.07 -4.93 5.29
N ALA A 73 0.67 -4.44 4.22
CA ALA A 73 1.53 -5.26 3.39
C ALA A 73 2.74 -5.74 4.18
N LEU A 74 3.30 -4.84 4.98
CA LEU A 74 4.45 -5.16 5.79
C LEU A 74 4.14 -6.32 6.74
N GLU A 75 2.97 -6.25 7.36
CA GLU A 75 2.56 -7.29 8.29
C GLU A 75 2.44 -8.63 7.56
N LYS A 76 1.91 -8.58 6.34
CA LYS A 76 1.73 -9.78 5.54
C LYS A 76 3.07 -10.30 5.08
N TYR A 77 4.04 -9.40 4.92
CA TYR A 77 5.39 -9.77 4.47
C TYR A 77 5.43 -9.87 2.96
N ASN A 78 6.63 -9.82 2.39
CA ASN A 78 6.79 -9.91 0.94
C ASN A 78 7.00 -11.35 0.50
N PHE A 79 6.01 -11.90 -0.21
CA PHE A 79 6.11 -13.28 -0.70
C PHE A 79 6.73 -14.19 0.35
N PRO A 80 6.13 -14.26 1.50
CA PRO A 80 6.63 -15.11 2.62
C PRO A 80 6.65 -16.59 2.25
N GLN A 81 5.62 -17.03 1.53
CA GLN A 81 5.52 -18.43 1.13
C GLN A 81 5.99 -19.35 2.24
N MET A 82 5.48 -19.13 3.45
CA MET A 82 5.87 -19.95 4.59
C MET A 82 5.01 -21.21 4.65
N GLY A 1 2.21 8.99 20.65
CA GLY A 1 2.94 9.72 19.56
C GLY A 1 3.32 8.73 18.47
N PRO A 2 2.36 8.33 17.66
CA PRO A 2 2.59 7.37 16.54
C PRO A 2 3.65 7.87 15.56
N GLY A 3 4.41 6.95 14.98
CA GLY A 3 5.44 7.32 14.02
C GLY A 3 4.82 7.76 12.71
N ASN A 4 4.97 9.05 12.39
CA ASN A 4 4.41 9.58 11.16
C ASN A 4 5.06 8.94 9.95
N ASP A 5 6.38 8.72 10.03
CA ASP A 5 7.13 8.12 8.92
C ASP A 5 6.27 7.06 8.21
N PRO A 6 5.66 7.43 7.09
CA PRO A 6 4.80 6.50 6.32
C PRO A 6 5.50 5.18 5.97
N ILE A 7 4.79 4.08 6.15
CA ILE A 7 5.34 2.77 5.86
C ILE A 7 5.49 2.57 4.36
N SER A 8 4.89 3.47 3.59
CA SER A 8 4.95 3.37 2.16
C SER A 8 6.40 3.22 1.71
N GLN A 9 7.32 3.71 2.54
CA GLN A 9 8.74 3.60 2.21
C GLN A 9 9.16 2.13 2.11
N LEU A 10 8.84 1.34 3.13
CA LEU A 10 9.18 -0.08 3.15
C LEU A 10 8.44 -0.80 2.04
N GLN A 11 7.14 -0.51 1.93
CA GLN A 11 6.33 -1.15 0.90
C GLN A 11 6.88 -0.83 -0.49
N GLN A 12 7.26 0.42 -0.69
CA GLN A 12 7.80 0.85 -1.98
C GLN A 12 9.06 0.07 -2.32
N CYS A 13 9.89 -0.17 -1.32
CA CYS A 13 11.12 -0.91 -1.53
C CYS A 13 10.81 -2.33 -2.03
N CYS A 14 9.78 -2.94 -1.46
CA CYS A 14 9.40 -4.29 -1.87
C CYS A 14 9.04 -4.32 -3.35
N LEU A 15 8.18 -3.40 -3.77
CA LEU A 15 7.77 -3.32 -5.17
C LEU A 15 8.97 -2.97 -6.05
N THR A 16 9.82 -2.09 -5.55
CA THR A 16 11.00 -1.67 -6.29
C THR A 16 12.01 -2.80 -6.36
N LEU A 17 11.94 -3.71 -5.41
CA LEU A 17 12.87 -4.83 -5.40
C LEU A 17 12.54 -5.82 -6.50
N ARG A 18 13.50 -6.04 -7.39
CA ARG A 18 13.31 -6.96 -8.50
C ARG A 18 13.20 -8.40 -8.00
N THR A 19 12.35 -9.18 -8.66
CA THR A 19 12.16 -10.58 -8.27
C THR A 19 12.98 -11.49 -9.19
N GLU A 20 13.77 -12.36 -8.58
CA GLU A 20 14.61 -13.27 -9.34
C GLU A 20 13.76 -14.28 -10.10
N GLY A 21 13.96 -14.36 -11.41
CA GLY A 21 13.22 -15.30 -12.25
C GLY A 21 11.97 -14.66 -12.81
N LYS A 22 11.63 -13.47 -12.31
CA LYS A 22 10.43 -12.76 -12.76
C LYS A 22 10.73 -11.28 -12.94
N GLU A 23 10.08 -10.69 -13.95
CA GLU A 23 10.28 -9.28 -14.23
C GLU A 23 9.64 -8.42 -13.15
N PRO A 24 10.16 -7.24 -12.92
CA PRO A 24 9.62 -6.31 -11.89
C PRO A 24 8.22 -5.81 -12.26
N ASP A 25 7.34 -5.74 -11.27
CA ASP A 25 5.96 -5.27 -11.50
C ASP A 25 5.92 -3.76 -11.49
N ILE A 26 4.87 -3.21 -12.12
CA ILE A 26 4.73 -1.75 -12.18
C ILE A 26 3.90 -1.23 -10.98
N PRO A 27 4.47 -0.41 -10.14
CA PRO A 27 3.75 0.14 -8.95
C PRO A 27 2.75 1.22 -9.34
N LEU A 28 1.52 1.09 -8.85
CA LEU A 28 0.47 2.07 -9.14
C LEU A 28 -0.37 2.32 -7.90
N TYR A 29 -0.68 3.58 -7.65
CA TYR A 29 -1.50 3.95 -6.49
C TYR A 29 -2.86 4.46 -6.94
N LYS A 30 -3.89 3.64 -6.75
CA LYS A 30 -5.25 4.02 -7.15
C LYS A 30 -6.24 3.63 -6.06
N THR A 31 -7.34 4.38 -5.99
CA THR A 31 -8.37 4.12 -4.98
C THR A 31 -9.59 3.51 -5.64
N LEU A 32 -10.29 2.65 -4.90
CA LEU A 32 -11.49 1.98 -5.43
C LEU A 32 -12.75 2.68 -4.93
N GLN A 33 -13.18 2.31 -3.73
CA GLN A 33 -14.37 2.90 -3.14
C GLN A 33 -14.03 4.22 -2.44
N THR A 34 -14.95 5.18 -2.52
CA THR A 34 -14.75 6.48 -1.89
C THR A 34 -15.99 6.86 -1.10
N VAL A 35 -15.78 7.24 0.17
CA VAL A 35 -16.90 7.64 1.03
C VAL A 35 -16.50 8.86 1.86
N GLY A 36 -17.50 9.57 2.37
CA GLY A 36 -17.25 10.77 3.17
C GLY A 36 -18.34 10.94 4.23
N PRO A 37 -18.42 10.01 5.16
CA PRO A 37 -19.43 10.04 6.25
C PRO A 37 -19.09 11.09 7.30
N SER A 38 -20.11 11.54 8.03
CA SER A 38 -19.91 12.55 9.07
C SER A 38 -19.73 13.92 8.45
N HIS A 39 -18.56 14.15 7.85
CA HIS A 39 -18.26 15.43 7.21
C HIS A 39 -16.93 15.36 6.49
N ALA A 40 -15.98 14.65 7.06
CA ALA A 40 -14.66 14.52 6.47
C ALA A 40 -14.67 13.48 5.34
N ARG A 41 -14.03 13.81 4.23
CA ARG A 41 -13.97 12.90 3.09
C ARG A 41 -12.90 11.85 3.32
N THR A 42 -13.21 10.61 2.96
CA THR A 42 -12.27 9.51 3.12
C THR A 42 -12.16 8.70 1.82
N TYR A 43 -11.00 8.11 1.60
CA TYR A 43 -10.77 7.30 0.40
C TYR A 43 -10.13 5.98 0.76
N THR A 44 -10.41 4.94 -0.03
CA THR A 44 -9.85 3.62 0.21
C THR A 44 -8.83 3.27 -0.88
N VAL A 45 -7.65 2.85 -0.45
CA VAL A 45 -6.57 2.50 -1.38
C VAL A 45 -6.14 1.06 -1.18
N ALA A 46 -5.69 0.44 -2.27
CA ALA A 46 -5.24 -0.95 -2.22
C ALA A 46 -4.10 -1.17 -3.21
N VAL A 47 -3.00 -1.72 -2.71
CA VAL A 47 -1.83 -1.99 -3.54
C VAL A 47 -1.94 -3.36 -4.18
N TYR A 48 -1.72 -3.42 -5.50
CA TYR A 48 -1.80 -4.69 -6.22
C TYR A 48 -0.40 -5.21 -6.54
N PHE A 49 -0.21 -6.51 -6.38
CA PHE A 49 1.09 -7.13 -6.64
C PHE A 49 0.92 -8.51 -7.24
N LYS A 50 1.52 -8.73 -8.41
CA LYS A 50 1.41 -10.01 -9.09
C LYS A 50 -0.04 -10.40 -9.29
N GLY A 51 -0.90 -9.40 -9.42
CA GLY A 51 -2.32 -9.66 -9.63
C GLY A 51 -3.03 -9.97 -8.31
N GLU A 52 -2.32 -9.78 -7.20
CA GLU A 52 -2.88 -10.06 -5.87
C GLU A 52 -2.60 -8.89 -4.93
N ARG A 53 -3.61 -8.50 -4.17
CA ARG A 53 -3.47 -7.40 -3.23
C ARG A 53 -2.59 -7.81 -2.07
N ILE A 54 -1.82 -6.85 -1.55
CA ILE A 54 -0.93 -7.13 -0.43
C ILE A 54 -1.38 -6.37 0.81
N GLY A 55 -2.14 -5.30 0.60
CA GLY A 55 -2.63 -4.49 1.70
C GLY A 55 -3.66 -3.48 1.22
N CYS A 56 -4.55 -3.06 2.13
CA CYS A 56 -5.57 -2.09 1.79
C CYS A 56 -6.03 -1.33 3.03
N GLY A 57 -6.25 -0.03 2.87
CA GLY A 57 -6.68 0.80 3.99
C GLY A 57 -7.38 2.06 3.49
N LYS A 58 -7.91 2.84 4.42
CA LYS A 58 -8.60 4.08 4.06
C LYS A 58 -8.39 5.14 5.15
N GLY A 59 -8.65 6.39 4.79
CA GLY A 59 -8.50 7.47 5.75
C GLY A 59 -8.85 8.81 5.11
N PRO A 60 -8.68 9.89 5.85
CA PRO A 60 -9.01 11.26 5.37
C PRO A 60 -8.27 11.62 4.08
N SER A 61 -7.07 11.04 3.91
CA SER A 61 -6.24 11.32 2.73
C SER A 61 -5.64 10.03 2.19
N LYS A 62 -5.34 10.04 0.90
CA LYS A 62 -4.77 8.86 0.26
C LYS A 62 -3.40 8.53 0.85
N LYS A 63 -2.60 9.56 1.10
CA LYS A 63 -1.27 9.36 1.67
C LYS A 63 -1.37 8.71 3.04
N GLN A 64 -2.31 9.17 3.85
CA GLN A 64 -2.50 8.62 5.19
C GLN A 64 -2.98 7.17 5.10
N ALA A 65 -3.85 6.89 4.14
CA ALA A 65 -4.38 5.55 3.96
C ALA A 65 -3.26 4.55 3.66
N LYS A 66 -2.26 5.00 2.93
CA LYS A 66 -1.14 4.14 2.57
C LYS A 66 -0.50 3.55 3.82
N MET A 67 -0.54 4.30 4.92
CA MET A 67 0.06 3.82 6.15
C MET A 67 -0.58 2.49 6.57
N GLY A 68 -1.91 2.44 6.54
CA GLY A 68 -2.61 1.22 6.92
C GLY A 68 -2.42 0.12 5.88
N ALA A 69 -2.67 0.45 4.62
CA ALA A 69 -2.52 -0.53 3.55
C ALA A 69 -1.07 -1.01 3.44
N ALA A 70 -0.14 -0.07 3.45
CA ALA A 70 1.28 -0.42 3.35
C ALA A 70 1.71 -1.27 4.54
N MET A 71 1.27 -0.88 5.73
CA MET A 71 1.61 -1.61 6.94
C MET A 71 1.05 -3.03 6.88
N ASP A 72 -0.15 -3.18 6.33
CA ASP A 72 -0.76 -4.49 6.22
C ASP A 72 0.13 -5.42 5.41
N ALA A 73 0.66 -4.92 4.30
CA ALA A 73 1.53 -5.74 3.46
C ALA A 73 2.76 -6.19 4.24
N LEU A 74 3.37 -5.26 4.95
CA LEU A 74 4.57 -5.58 5.74
C LEU A 74 4.23 -6.63 6.79
N GLU A 75 3.10 -6.46 7.45
CA GLU A 75 2.68 -7.40 8.47
C GLU A 75 2.45 -8.78 7.88
N LYS A 76 1.86 -8.81 6.69
CA LYS A 76 1.60 -10.08 6.01
C LYS A 76 2.86 -10.61 5.33
N TYR A 77 3.90 -9.79 5.33
CA TYR A 77 5.16 -10.17 4.71
C TYR A 77 4.95 -10.52 3.24
N ASN A 78 5.52 -9.71 2.35
CA ASN A 78 5.39 -9.94 0.92
C ASN A 78 6.36 -11.02 0.45
N PHE A 79 5.93 -11.80 -0.54
CA PHE A 79 6.78 -12.88 -1.07
C PHE A 79 7.40 -13.67 0.07
N PRO A 80 6.59 -14.20 0.95
CA PRO A 80 7.09 -15.01 2.11
C PRO A 80 7.68 -16.34 1.67
N GLN A 81 8.63 -16.84 2.46
CA GLN A 81 9.28 -18.11 2.14
C GLN A 81 9.95 -18.68 3.38
N MET A 82 10.23 -19.99 3.35
CA MET A 82 10.87 -20.65 4.47
C MET A 82 11.72 -21.82 3.99
N GLY A 1 9.39 20.59 5.86
CA GLY A 1 8.97 19.21 5.50
C GLY A 1 9.48 18.23 6.58
N PRO A 2 8.87 18.26 7.73
CA PRO A 2 9.26 17.37 8.87
C PRO A 2 9.25 15.89 8.46
N GLY A 3 8.33 15.53 7.57
CA GLY A 3 8.21 14.16 7.12
C GLY A 3 9.33 13.80 6.15
N ASN A 4 10.57 13.89 6.63
CA ASN A 4 11.73 13.58 5.81
C ASN A 4 11.69 12.12 5.35
N ASP A 5 11.25 11.23 6.25
CA ASP A 5 11.17 9.80 5.93
C ASP A 5 9.79 9.26 6.33
N PRO A 6 8.80 9.45 5.49
CA PRO A 6 7.41 8.97 5.76
C PRO A 6 7.27 7.47 5.57
N ILE A 7 6.06 6.97 5.73
CA ILE A 7 5.81 5.54 5.60
C ILE A 7 6.07 5.10 4.17
N SER A 8 6.15 6.07 3.28
CA SER A 8 6.39 5.76 1.87
C SER A 8 7.54 4.78 1.75
N GLN A 9 8.33 4.70 2.81
CA GLN A 9 9.47 3.78 2.78
C GLN A 9 9.01 2.34 2.63
N LEU A 10 8.17 1.89 3.54
CA LEU A 10 7.66 0.53 3.51
C LEU A 10 6.81 0.32 2.27
N GLN A 11 5.99 1.30 1.94
CA GLN A 11 5.13 1.19 0.78
C GLN A 11 5.96 1.04 -0.49
N GLN A 12 6.89 1.97 -0.72
CA GLN A 12 7.73 1.90 -1.90
C GLN A 12 8.64 0.68 -1.86
N CYS A 13 9.22 0.42 -0.70
CA CYS A 13 10.12 -0.72 -0.54
C CYS A 13 9.38 -2.03 -0.80
N CYS A 14 8.23 -2.19 -0.18
CA CYS A 14 7.44 -3.39 -0.34
C CYS A 14 7.02 -3.58 -1.80
N LEU A 15 6.56 -2.49 -2.41
CA LEU A 15 6.13 -2.53 -3.79
C LEU A 15 7.29 -2.92 -4.71
N THR A 16 8.47 -2.40 -4.42
CA THR A 16 9.64 -2.71 -5.22
C THR A 16 10.06 -4.15 -5.00
N LEU A 17 9.95 -4.60 -3.75
CA LEU A 17 10.32 -5.97 -3.41
C LEU A 17 11.63 -6.35 -4.09
N ARG A 18 12.74 -5.89 -3.54
CA ARG A 18 14.04 -6.18 -4.11
C ARG A 18 14.38 -7.65 -3.92
N THR A 19 14.52 -8.37 -5.04
CA THR A 19 14.86 -9.80 -4.99
C THR A 19 15.87 -10.15 -6.07
N GLU A 20 16.99 -10.73 -5.66
CA GLU A 20 18.02 -11.12 -6.61
C GLU A 20 17.53 -12.26 -7.49
N GLY A 21 17.93 -12.22 -8.76
CA GLY A 21 17.53 -13.25 -9.70
C GLY A 21 16.19 -12.90 -10.35
N LYS A 22 15.56 -11.81 -9.89
CA LYS A 22 14.27 -11.39 -10.43
C LYS A 22 14.34 -9.92 -10.83
N GLU A 23 13.81 -9.63 -12.02
CA GLU A 23 13.84 -8.26 -12.51
C GLU A 23 12.88 -7.37 -11.71
N PRO A 24 13.15 -6.08 -11.60
CA PRO A 24 12.24 -5.14 -10.85
C PRO A 24 10.80 -5.26 -11.31
N ASP A 25 9.86 -5.17 -10.36
CA ASP A 25 8.45 -5.25 -10.67
C ASP A 25 7.94 -3.90 -11.16
N ILE A 26 6.62 -3.80 -11.37
CA ILE A 26 6.00 -2.57 -11.84
C ILE A 26 5.03 -2.03 -10.79
N PRO A 27 5.50 -1.17 -9.91
CA PRO A 27 4.64 -0.57 -8.85
C PRO A 27 3.40 0.09 -9.43
N LEU A 28 2.27 -0.11 -8.75
CA LEU A 28 1.00 0.47 -9.20
C LEU A 28 0.27 1.12 -8.03
N TYR A 29 -0.07 2.40 -8.19
CA TYR A 29 -0.79 3.15 -7.15
C TYR A 29 -1.97 3.89 -7.75
N LYS A 30 -3.18 3.46 -7.38
CA LYS A 30 -4.40 4.09 -7.89
C LYS A 30 -5.54 3.93 -6.89
N THR A 31 -6.32 5.00 -6.72
CA THR A 31 -7.44 4.97 -5.79
C THR A 31 -8.60 4.17 -6.39
N LEU A 32 -9.43 3.58 -5.52
CA LEU A 32 -10.57 2.79 -5.98
C LEU A 32 -11.81 3.66 -6.08
N GLN A 33 -12.28 4.15 -4.93
CA GLN A 33 -13.47 4.99 -4.92
C GLN A 33 -13.55 5.76 -3.61
N THR A 34 -14.04 6.99 -3.67
CA THR A 34 -14.17 7.83 -2.48
C THR A 34 -15.61 7.79 -1.96
N VAL A 35 -15.76 7.55 -0.66
CA VAL A 35 -17.10 7.48 -0.05
C VAL A 35 -17.20 8.48 1.10
N GLY A 36 -18.42 8.84 1.45
CA GLY A 36 -18.66 9.79 2.54
C GLY A 36 -19.98 9.49 3.24
N PRO A 37 -19.98 8.52 4.12
CA PRO A 37 -21.21 8.12 4.88
C PRO A 37 -21.88 9.30 5.57
N SER A 38 -22.53 10.16 4.79
CA SER A 38 -23.21 11.32 5.34
C SER A 38 -22.31 12.04 6.35
N HIS A 39 -20.99 11.98 6.09
CA HIS A 39 -20.02 12.63 6.98
C HIS A 39 -18.80 13.10 6.18
N ALA A 40 -17.61 12.78 6.67
CA ALA A 40 -16.38 13.18 6.01
C ALA A 40 -16.05 12.21 4.89
N ARG A 41 -15.40 12.72 3.84
CA ARG A 41 -15.03 11.89 2.72
C ARG A 41 -13.91 10.93 3.11
N THR A 42 -13.98 9.71 2.59
CA THR A 42 -12.98 8.69 2.88
C THR A 42 -12.41 8.11 1.59
N TYR A 43 -11.09 8.05 1.51
CA TYR A 43 -10.40 7.53 0.33
C TYR A 43 -9.94 6.10 0.59
N THR A 44 -10.08 5.25 -0.42
CA THR A 44 -9.67 3.85 -0.31
C THR A 44 -8.71 3.50 -1.43
N VAL A 45 -7.59 2.87 -1.08
CA VAL A 45 -6.58 2.48 -2.06
C VAL A 45 -6.07 1.07 -1.77
N ALA A 46 -5.81 0.31 -2.83
CA ALA A 46 -5.31 -1.05 -2.68
C ALA A 46 -4.32 -1.38 -3.80
N VAL A 47 -3.13 -1.82 -3.41
CA VAL A 47 -2.10 -2.16 -4.38
C VAL A 47 -2.24 -3.62 -4.80
N TYR A 48 -2.06 -3.88 -6.11
CA TYR A 48 -2.18 -5.23 -6.65
C TYR A 48 -0.83 -5.68 -7.19
N PHE A 49 -0.25 -6.69 -6.54
CA PHE A 49 1.04 -7.21 -6.95
C PHE A 49 0.86 -8.51 -7.73
N LYS A 50 1.23 -8.47 -9.00
CA LYS A 50 1.10 -9.64 -9.86
C LYS A 50 -0.33 -10.19 -9.80
N GLY A 51 -1.30 -9.30 -9.73
CA GLY A 51 -2.70 -9.71 -9.69
C GLY A 51 -3.06 -10.27 -8.31
N GLU A 52 -2.32 -9.84 -7.29
CA GLU A 52 -2.56 -10.30 -5.91
C GLU A 52 -2.47 -9.13 -4.94
N ARG A 53 -3.42 -9.08 -4.00
CA ARG A 53 -3.44 -8.03 -3.01
C ARG A 53 -2.19 -8.08 -2.16
N ILE A 54 -1.49 -6.96 -2.07
CA ILE A 54 -0.27 -6.91 -1.27
C ILE A 54 -0.47 -6.02 -0.04
N GLY A 55 -1.26 -4.96 -0.20
CA GLY A 55 -1.53 -4.04 0.90
C GLY A 55 -2.60 -3.03 0.52
N CYS A 56 -3.40 -2.59 1.49
CA CYS A 56 -4.44 -1.60 1.23
C CYS A 56 -4.76 -0.83 2.50
N GLY A 57 -5.29 0.37 2.35
CA GLY A 57 -5.64 1.19 3.50
C GLY A 57 -6.70 2.23 3.12
N LYS A 58 -7.38 2.78 4.12
CA LYS A 58 -8.40 3.79 3.88
C LYS A 58 -8.47 4.76 5.05
N GLY A 59 -8.98 5.96 4.78
CA GLY A 59 -9.10 6.98 5.82
C GLY A 59 -9.59 8.30 5.25
N PRO A 60 -9.78 9.29 6.10
CA PRO A 60 -10.28 10.64 5.68
C PRO A 60 -9.21 11.42 4.91
N SER A 61 -8.00 10.86 4.84
CA SER A 61 -6.91 11.52 4.16
C SER A 61 -5.97 10.50 3.54
N LYS A 62 -5.30 10.89 2.47
CA LYS A 62 -4.38 10.00 1.78
C LYS A 62 -3.25 9.57 2.70
N LYS A 63 -2.82 10.48 3.57
CA LYS A 63 -1.73 10.16 4.49
C LYS A 63 -2.09 8.97 5.37
N GLN A 64 -3.31 8.95 5.86
CA GLN A 64 -3.76 7.86 6.71
C GLN A 64 -3.82 6.56 5.91
N ALA A 65 -4.30 6.66 4.67
CA ALA A 65 -4.41 5.49 3.81
C ALA A 65 -3.03 4.89 3.54
N LYS A 66 -2.05 5.75 3.29
CA LYS A 66 -0.70 5.29 3.02
C LYS A 66 -0.14 4.53 4.23
N MET A 67 -0.43 5.05 5.42
CA MET A 67 0.06 4.42 6.64
C MET A 67 -0.47 2.99 6.75
N GLY A 68 -1.79 2.84 6.56
CA GLY A 68 -2.40 1.53 6.65
C GLY A 68 -1.98 0.64 5.49
N ALA A 69 -1.93 1.21 4.29
CA ALA A 69 -1.55 0.44 3.11
C ALA A 69 -0.14 -0.13 3.25
N ALA A 70 0.81 0.73 3.60
CA ALA A 70 2.20 0.29 3.76
C ALA A 70 2.32 -0.70 4.91
N MET A 71 1.71 -0.35 6.03
CA MET A 71 1.75 -1.19 7.22
C MET A 71 1.09 -2.53 6.94
N ASP A 72 0.00 -2.52 6.17
CA ASP A 72 -0.71 -3.75 5.87
C ASP A 72 0.21 -4.73 5.18
N ALA A 73 0.90 -4.28 4.15
CA ALA A 73 1.83 -5.14 3.43
C ALA A 73 2.96 -5.59 4.34
N LEU A 74 3.46 -4.65 5.14
CA LEU A 74 4.54 -4.95 6.07
C LEU A 74 4.14 -6.06 7.02
N GLU A 75 2.94 -5.95 7.59
CA GLU A 75 2.47 -6.95 8.52
C GLU A 75 2.30 -8.30 7.83
N LYS A 76 1.78 -8.27 6.62
CA LYS A 76 1.58 -9.50 5.87
C LYS A 76 2.91 -10.09 5.43
N TYR A 77 3.85 -9.21 5.11
CA TYR A 77 5.17 -9.64 4.67
C TYR A 77 5.06 -10.44 3.37
N ASN A 78 5.89 -10.07 2.40
CA ASN A 78 5.90 -10.76 1.11
C ASN A 78 6.77 -12.01 1.18
N PHE A 79 6.30 -13.08 0.54
CA PHE A 79 7.05 -14.34 0.52
C PHE A 79 6.59 -15.20 -0.66
N PRO A 80 6.93 -14.80 -1.85
CA PRO A 80 6.54 -15.55 -3.10
C PRO A 80 7.02 -17.00 -3.05
N GLN A 81 8.24 -17.20 -2.58
CA GLN A 81 8.82 -18.55 -2.50
C GLN A 81 8.57 -19.30 -3.80
N MET A 82 8.62 -18.58 -4.92
CA MET A 82 8.40 -19.20 -6.22
C MET A 82 8.99 -18.34 -7.33
N GLY A 1 12.01 18.54 12.60
CA GLY A 1 12.17 17.14 12.12
C GLY A 1 11.06 16.27 12.72
N PRO A 2 9.85 16.44 12.24
CA PRO A 2 8.68 15.65 12.73
C PRO A 2 8.89 14.15 12.61
N GLY A 3 9.64 13.75 11.57
CA GLY A 3 9.92 12.34 11.34
C GLY A 3 8.62 11.56 11.17
N ASN A 4 8.49 10.45 11.88
CA ASN A 4 7.29 9.63 11.79
C ASN A 4 6.97 9.32 10.33
N ASP A 5 7.99 8.91 9.58
CA ASP A 5 7.80 8.60 8.18
C ASP A 5 6.85 7.42 8.00
N PRO A 6 6.07 7.39 6.94
CA PRO A 6 5.12 6.28 6.66
C PRO A 6 5.84 4.98 6.28
N ILE A 7 5.17 3.86 6.50
CA ILE A 7 5.76 2.57 6.18
C ILE A 7 5.92 2.42 4.67
N SER A 8 5.30 3.33 3.93
CA SER A 8 5.39 3.28 2.48
C SER A 8 6.84 3.37 2.05
N GLN A 9 7.68 3.95 2.90
CA GLN A 9 9.09 4.07 2.59
C GLN A 9 9.75 2.70 2.48
N LEU A 10 9.63 1.90 3.54
CA LEU A 10 10.23 0.57 3.53
C LEU A 10 9.58 -0.32 2.47
N GLN A 11 8.24 -0.30 2.45
CA GLN A 11 7.51 -1.11 1.50
C GLN A 11 7.89 -0.75 0.07
N GLN A 12 8.39 0.46 -0.11
CA GLN A 12 8.77 0.90 -1.45
C GLN A 12 9.79 -0.07 -2.04
N CYS A 13 10.80 -0.43 -1.24
CA CYS A 13 11.80 -1.38 -1.71
C CYS A 13 11.19 -2.75 -1.96
N CYS A 14 10.31 -3.16 -1.04
CA CYS A 14 9.64 -4.46 -1.16
C CYS A 14 8.79 -4.50 -2.42
N LEU A 15 8.08 -3.41 -2.69
CA LEU A 15 7.22 -3.33 -3.86
C LEU A 15 8.03 -3.49 -5.14
N THR A 16 9.20 -2.87 -5.17
CA THR A 16 10.05 -2.97 -6.34
C THR A 16 10.68 -4.36 -6.44
N LEU A 17 10.93 -4.96 -5.28
CA LEU A 17 11.52 -6.30 -5.23
C LEU A 17 12.53 -6.51 -6.37
N ARG A 18 13.68 -5.84 -6.27
CA ARG A 18 14.69 -5.97 -7.30
C ARG A 18 15.32 -7.36 -7.26
N THR A 19 15.19 -8.10 -8.36
CA THR A 19 15.77 -9.45 -8.44
C THR A 19 16.38 -9.68 -9.82
N GLU A 20 17.68 -10.00 -9.82
CA GLU A 20 18.37 -10.26 -11.07
C GLU A 20 17.89 -11.56 -11.69
N GLY A 21 17.79 -11.58 -13.02
CA GLY A 21 17.34 -12.77 -13.72
C GLY A 21 15.81 -12.82 -13.78
N LYS A 22 15.16 -11.79 -13.25
CA LYS A 22 13.70 -11.75 -13.24
C LYS A 22 13.22 -10.33 -13.49
N GLU A 23 12.36 -10.17 -14.49
CA GLU A 23 11.86 -8.84 -14.83
C GLU A 23 10.92 -8.31 -13.72
N PRO A 24 11.24 -7.18 -13.11
CA PRO A 24 10.39 -6.60 -12.04
C PRO A 24 9.11 -5.97 -12.61
N ASP A 25 8.01 -6.10 -11.86
CA ASP A 25 6.73 -5.53 -12.28
C ASP A 25 6.67 -4.06 -11.89
N ILE A 26 5.57 -3.39 -12.27
CA ILE A 26 5.41 -1.98 -11.94
C ILE A 26 4.20 -1.80 -11.01
N PRO A 27 4.41 -1.88 -9.72
CA PRO A 27 3.33 -1.71 -8.71
C PRO A 27 3.07 -0.23 -8.43
N LEU A 28 1.80 0.16 -8.48
CA LEU A 28 1.42 1.55 -8.21
C LEU A 28 0.12 1.60 -7.39
N TYR A 29 0.05 2.55 -6.47
CA TYR A 29 -1.14 2.69 -5.64
C TYR A 29 -2.13 3.65 -6.29
N LYS A 30 -3.40 3.27 -6.30
CA LYS A 30 -4.45 4.10 -6.90
C LYS A 30 -5.76 3.95 -6.14
N THR A 31 -6.50 5.06 -6.03
CA THR A 31 -7.77 5.04 -5.32
C THR A 31 -8.83 4.33 -6.16
N LEU A 32 -9.79 3.69 -5.47
CA LEU A 32 -10.87 2.97 -6.16
C LEU A 32 -12.16 3.77 -6.10
N GLN A 33 -12.62 4.06 -4.88
CA GLN A 33 -13.84 4.81 -4.70
C GLN A 33 -13.91 5.38 -3.28
N THR A 34 -14.83 6.32 -3.08
CA THR A 34 -14.99 6.94 -1.76
C THR A 34 -16.01 6.17 -0.94
N VAL A 35 -15.80 6.13 0.38
CA VAL A 35 -16.70 5.41 1.28
C VAL A 35 -16.85 6.15 2.60
N GLY A 36 -17.89 5.81 3.36
CA GLY A 36 -18.12 6.46 4.64
C GLY A 36 -18.63 7.88 4.44
N PRO A 37 -19.77 8.03 3.81
CA PRO A 37 -20.37 9.38 3.55
C PRO A 37 -20.67 10.13 4.85
N SER A 38 -20.86 9.38 5.93
CA SER A 38 -21.15 10.00 7.22
C SER A 38 -19.97 10.83 7.69
N HIS A 39 -20.27 11.94 8.36
CA HIS A 39 -19.22 12.82 8.85
C HIS A 39 -18.20 13.11 7.76
N ALA A 40 -16.93 12.83 8.04
CA ALA A 40 -15.87 13.05 7.07
C ALA A 40 -15.78 11.88 6.09
N ARG A 41 -15.58 12.18 4.82
CA ARG A 41 -15.48 11.14 3.80
C ARG A 41 -14.10 10.51 3.85
N THR A 42 -14.02 9.25 3.40
CA THR A 42 -12.75 8.52 3.39
C THR A 42 -12.49 7.96 1.99
N TYR A 43 -11.21 7.84 1.64
CA TYR A 43 -10.82 7.32 0.33
C TYR A 43 -10.30 5.89 0.48
N THR A 44 -10.67 5.03 -0.47
CA THR A 44 -10.23 3.63 -0.43
C THR A 44 -9.01 3.44 -1.31
N VAL A 45 -7.99 2.76 -0.77
CA VAL A 45 -6.75 2.51 -1.49
C VAL A 45 -6.36 1.04 -1.38
N ALA A 46 -6.03 0.43 -2.51
CA ALA A 46 -5.62 -0.99 -2.54
C ALA A 46 -4.40 -1.17 -3.42
N VAL A 47 -3.31 -1.64 -2.83
CA VAL A 47 -2.07 -1.86 -3.55
C VAL A 47 -2.06 -3.27 -4.14
N TYR A 48 -1.63 -3.40 -5.39
CA TYR A 48 -1.57 -4.70 -6.06
C TYR A 48 -0.12 -5.06 -6.37
N PHE A 49 0.17 -6.36 -6.33
CA PHE A 49 1.52 -6.83 -6.62
C PHE A 49 1.46 -8.17 -7.35
N LYS A 50 1.93 -8.17 -8.59
CA LYS A 50 1.93 -9.38 -9.41
C LYS A 50 0.50 -9.81 -9.75
N GLY A 51 -0.44 -8.86 -9.65
CA GLY A 51 -1.84 -9.16 -9.95
C GLY A 51 -2.59 -9.62 -8.70
N GLU A 52 -1.98 -9.42 -7.53
CA GLU A 52 -2.61 -9.83 -6.27
C GLU A 52 -2.50 -8.70 -5.24
N ARG A 53 -3.52 -8.58 -4.40
CA ARG A 53 -3.54 -7.54 -3.38
C ARG A 53 -2.47 -7.81 -2.33
N ILE A 54 -1.61 -6.82 -2.11
CA ILE A 54 -0.54 -6.95 -1.13
C ILE A 54 -0.86 -6.17 0.15
N GLY A 55 -1.67 -5.11 0.00
CA GLY A 55 -2.04 -4.28 1.14
C GLY A 55 -3.20 -3.37 0.79
N CYS A 56 -3.95 -2.95 1.81
CA CYS A 56 -5.09 -2.08 1.61
C CYS A 56 -5.38 -1.26 2.87
N GLY A 57 -5.72 0.00 2.69
CA GLY A 57 -6.01 0.88 3.82
C GLY A 57 -6.95 2.01 3.41
N LYS A 58 -7.50 2.70 4.40
CA LYS A 58 -8.42 3.79 4.12
C LYS A 58 -8.32 4.86 5.21
N GLY A 59 -8.82 6.05 4.90
CA GLY A 59 -8.78 7.14 5.86
C GLY A 59 -9.36 8.42 5.27
N PRO A 60 -9.44 9.47 6.06
CA PRO A 60 -9.99 10.78 5.60
C PRO A 60 -9.23 11.36 4.39
N SER A 61 -7.93 11.09 4.35
CA SER A 61 -7.08 11.60 3.27
C SER A 61 -6.42 10.45 2.52
N LYS A 62 -6.10 10.71 1.25
CA LYS A 62 -5.48 9.68 0.41
C LYS A 62 -4.14 9.26 0.98
N LYS A 63 -3.37 10.22 1.46
CA LYS A 63 -2.06 9.93 2.03
C LYS A 63 -2.18 9.00 3.22
N GLN A 64 -3.24 9.19 4.00
CA GLN A 64 -3.47 8.36 5.18
C GLN A 64 -3.80 6.92 4.76
N ALA A 65 -4.62 6.79 3.73
CA ALA A 65 -5.03 5.48 3.24
C ALA A 65 -3.83 4.70 2.70
N LYS A 66 -2.96 5.38 1.97
CA LYS A 66 -1.80 4.73 1.39
C LYS A 66 -0.90 4.19 2.50
N MET A 67 -0.73 5.00 3.54
CA MET A 67 0.13 4.62 4.65
C MET A 67 -0.38 3.36 5.30
N GLY A 68 -1.69 3.29 5.49
CA GLY A 68 -2.32 2.14 6.11
C GLY A 68 -2.13 0.90 5.24
N ALA A 69 -2.28 1.07 3.93
CA ALA A 69 -2.12 -0.05 3.01
C ALA A 69 -0.71 -0.61 3.09
N ALA A 70 0.28 0.29 3.13
CA ALA A 70 1.67 -0.13 3.20
C ALA A 70 1.93 -0.92 4.49
N MET A 71 1.41 -0.40 5.59
CA MET A 71 1.56 -1.05 6.89
C MET A 71 0.91 -2.44 6.86
N ASP A 72 -0.23 -2.55 6.20
CA ASP A 72 -0.94 -3.82 6.13
C ASP A 72 -0.05 -4.87 5.48
N ALA A 73 0.57 -4.51 4.36
CA ALA A 73 1.45 -5.43 3.67
C ALA A 73 2.64 -5.81 4.56
N LEU A 74 3.18 -4.82 5.25
CA LEU A 74 4.32 -5.06 6.12
C LEU A 74 3.95 -6.05 7.22
N GLU A 75 2.81 -5.83 7.87
CA GLU A 75 2.37 -6.72 8.95
C GLU A 75 2.12 -8.12 8.41
N LYS A 76 1.43 -8.20 7.27
CA LYS A 76 1.13 -9.49 6.66
C LYS A 76 2.36 -10.07 5.96
N TYR A 77 3.29 -9.20 5.59
CA TYR A 77 4.50 -9.63 4.91
C TYR A 77 4.18 -10.68 3.85
N ASN A 78 3.90 -10.23 2.64
CA ASN A 78 3.56 -11.13 1.54
C ASN A 78 4.81 -11.73 0.91
N PHE A 79 4.94 -13.05 1.02
CA PHE A 79 6.10 -13.74 0.47
C PHE A 79 6.03 -13.80 -1.06
N PRO A 80 7.16 -13.81 -1.73
CA PRO A 80 7.23 -13.87 -3.23
C PRO A 80 6.65 -15.18 -3.77
N GLN A 81 6.52 -16.17 -2.90
CA GLN A 81 5.99 -17.47 -3.31
C GLN A 81 5.40 -18.20 -2.11
N MET A 82 4.49 -19.12 -2.39
CA MET A 82 3.84 -19.89 -1.32
C MET A 82 4.69 -21.10 -0.94
N GLY A 1 12.05 11.86 21.32
CA GLY A 1 12.09 12.36 19.91
C GLY A 1 11.43 11.33 19.00
N PRO A 2 10.20 11.00 19.26
CA PRO A 2 9.43 10.02 18.43
C PRO A 2 9.09 10.56 17.04
N GLY A 3 9.01 9.66 16.07
CA GLY A 3 8.69 10.06 14.71
C GLY A 3 9.11 8.98 13.71
N ASN A 4 10.40 8.92 13.43
CA ASN A 4 10.92 7.93 12.49
C ASN A 4 10.13 7.95 11.20
N ASP A 5 10.55 7.13 10.23
CA ASP A 5 9.86 7.08 8.95
C ASP A 5 8.77 6.00 8.96
N PRO A 6 7.69 6.21 8.23
CA PRO A 6 6.56 5.23 8.15
C PRO A 6 6.95 3.96 7.39
N ILE A 7 6.18 2.91 7.56
CA ILE A 7 6.45 1.64 6.89
C ILE A 7 6.26 1.81 5.39
N SER A 8 5.51 2.82 5.00
CA SER A 8 5.26 3.03 3.58
C SER A 8 6.58 3.17 2.85
N GLN A 9 7.58 3.70 3.52
CA GLN A 9 8.89 3.84 2.89
C GLN A 9 9.44 2.48 2.49
N LEU A 10 9.40 1.54 3.44
CA LEU A 10 9.91 0.21 3.17
C LEU A 10 9.07 -0.47 2.09
N GLN A 11 7.75 -0.37 2.23
CA GLN A 11 6.86 -0.99 1.27
C GLN A 11 7.13 -0.44 -0.13
N GLN A 12 7.39 0.86 -0.22
CA GLN A 12 7.67 1.48 -1.51
C GLN A 12 8.91 0.85 -2.15
N CYS A 13 9.91 0.57 -1.34
CA CYS A 13 11.13 -0.05 -1.86
C CYS A 13 10.81 -1.40 -2.48
N CYS A 14 9.92 -2.16 -1.83
CA CYS A 14 9.53 -3.47 -2.34
C CYS A 14 8.89 -3.34 -3.71
N LEU A 15 8.09 -2.29 -3.89
CA LEU A 15 7.41 -2.08 -5.17
C LEU A 15 8.45 -1.90 -6.27
N THR A 16 9.51 -1.15 -5.98
CA THR A 16 10.56 -0.92 -6.96
C THR A 16 11.54 -2.07 -7.00
N LEU A 17 11.38 -3.00 -6.06
CA LEU A 17 12.27 -4.15 -5.99
C LEU A 17 11.92 -5.18 -7.06
N ARG A 18 12.92 -5.60 -7.82
CA ARG A 18 12.73 -6.59 -8.88
C ARG A 18 12.35 -7.94 -8.29
N THR A 19 11.45 -8.65 -8.97
CA THR A 19 11.02 -9.96 -8.50
C THR A 19 11.89 -11.05 -9.12
N GLU A 20 12.70 -11.70 -8.28
CA GLU A 20 13.58 -12.75 -8.75
C GLU A 20 12.78 -13.97 -9.20
N GLY A 21 13.17 -14.55 -10.33
CA GLY A 21 12.49 -15.73 -10.86
C GLY A 21 11.35 -15.33 -11.80
N LYS A 22 11.00 -14.05 -11.79
CA LYS A 22 9.92 -13.55 -12.65
C LYS A 22 10.22 -12.15 -13.14
N GLU A 23 9.59 -11.77 -14.24
CA GLU A 23 9.81 -10.44 -14.80
C GLU A 23 9.28 -9.36 -13.85
N PRO A 24 9.88 -8.19 -13.83
CA PRO A 24 9.43 -7.07 -12.96
C PRO A 24 8.07 -6.52 -13.37
N ASP A 25 7.17 -6.37 -12.39
CA ASP A 25 5.83 -5.86 -12.63
C ASP A 25 5.80 -4.35 -12.42
N ILE A 26 4.68 -3.72 -12.76
CA ILE A 26 4.54 -2.27 -12.59
C ILE A 26 3.44 -1.98 -11.57
N PRO A 27 3.79 -1.87 -10.30
CA PRO A 27 2.81 -1.59 -9.23
C PRO A 27 2.48 -0.09 -9.13
N LEU A 28 1.20 0.22 -9.09
CA LEU A 28 0.75 1.61 -8.98
C LEU A 28 -0.42 1.72 -8.01
N TYR A 29 -0.29 2.60 -7.02
CA TYR A 29 -1.36 2.79 -6.04
C TYR A 29 -2.31 3.90 -6.50
N LYS A 30 -3.61 3.60 -6.50
CA LYS A 30 -4.61 4.56 -6.93
C LYS A 30 -5.92 4.31 -6.20
N THR A 31 -6.53 5.38 -5.70
CA THR A 31 -7.80 5.27 -4.99
C THR A 31 -8.83 4.57 -5.87
N LEU A 32 -9.56 3.62 -5.28
CA LEU A 32 -10.58 2.87 -6.02
C LEU A 32 -11.93 3.56 -5.89
N GLN A 33 -12.28 3.95 -4.68
CA GLN A 33 -13.56 4.62 -4.45
C GLN A 33 -13.57 5.31 -3.08
N THR A 34 -14.54 6.19 -2.89
CA THR A 34 -14.66 6.91 -1.62
C THR A 34 -15.55 6.14 -0.65
N VAL A 35 -15.24 6.25 0.64
CA VAL A 35 -16.00 5.56 1.69
C VAL A 35 -16.43 6.53 2.78
N GLY A 36 -17.56 6.23 3.41
CA GLY A 36 -18.09 7.08 4.47
C GLY A 36 -18.63 8.40 3.90
N PRO A 37 -19.32 8.34 2.79
CA PRO A 37 -19.89 9.56 2.13
C PRO A 37 -20.97 10.23 2.99
N SER A 38 -21.53 9.46 3.92
CA SER A 38 -22.57 9.99 4.79
C SER A 38 -22.03 11.11 5.68
N HIS A 39 -20.72 11.08 5.92
CA HIS A 39 -20.07 12.10 6.75
C HIS A 39 -18.78 12.58 6.11
N ALA A 40 -17.65 12.29 6.76
CA ALA A 40 -16.36 12.70 6.24
C ALA A 40 -15.98 11.83 5.04
N ARG A 41 -15.39 12.46 4.03
CA ARG A 41 -14.99 11.75 2.83
C ARG A 41 -13.65 11.07 3.04
N THR A 42 -13.61 9.76 2.75
CA THR A 42 -12.38 8.98 2.91
C THR A 42 -12.08 8.25 1.61
N TYR A 43 -10.80 8.05 1.34
CA TYR A 43 -10.37 7.36 0.12
C TYR A 43 -9.83 5.98 0.45
N THR A 44 -10.14 5.01 -0.40
CA THR A 44 -9.68 3.63 -0.21
C THR A 44 -8.56 3.32 -1.19
N VAL A 45 -7.42 2.90 -0.64
CA VAL A 45 -6.25 2.56 -1.45
C VAL A 45 -5.83 1.12 -1.22
N ALA A 46 -5.69 0.37 -2.30
CA ALA A 46 -5.28 -1.03 -2.22
C ALA A 46 -4.21 -1.33 -3.26
N VAL A 47 -3.07 -1.83 -2.79
CA VAL A 47 -1.96 -2.15 -3.67
C VAL A 47 -2.10 -3.57 -4.22
N TYR A 48 -1.96 -3.72 -5.53
CA TYR A 48 -2.07 -5.03 -6.17
C TYR A 48 -0.70 -5.49 -6.67
N PHE A 49 -0.43 -6.78 -6.52
CA PHE A 49 0.85 -7.32 -6.94
C PHE A 49 0.65 -8.74 -7.48
N LYS A 50 1.21 -8.99 -8.66
CA LYS A 50 1.08 -10.30 -9.29
C LYS A 50 -0.39 -10.70 -9.43
N GLY A 51 -1.25 -9.70 -9.50
CA GLY A 51 -2.68 -9.96 -9.64
C GLY A 51 -3.32 -10.32 -8.30
N GLU A 52 -2.61 -10.02 -7.21
CA GLU A 52 -3.12 -10.32 -5.87
C GLU A 52 -2.87 -9.13 -4.94
N ARG A 53 -3.86 -8.82 -4.11
CA ARG A 53 -3.75 -7.72 -3.16
C ARG A 53 -2.72 -8.05 -2.10
N ILE A 54 -1.87 -7.09 -1.78
CA ILE A 54 -0.84 -7.29 -0.76
C ILE A 54 -1.15 -6.46 0.48
N GLY A 55 -1.95 -5.42 0.30
CA GLY A 55 -2.30 -4.53 1.42
C GLY A 55 -3.50 -3.65 1.04
N CYS A 56 -4.26 -3.25 2.05
CA CYS A 56 -5.44 -2.41 1.84
C CYS A 56 -5.69 -1.53 3.05
N GLY A 57 -5.94 -0.24 2.78
CA GLY A 57 -6.19 0.72 3.85
C GLY A 57 -7.00 1.90 3.34
N LYS A 58 -7.53 2.68 4.27
CA LYS A 58 -8.34 3.85 3.91
C LYS A 58 -8.16 4.97 4.93
N GLY A 59 -8.54 6.17 4.55
CA GLY A 59 -8.42 7.31 5.44
C GLY A 59 -8.86 8.61 4.76
N PRO A 60 -8.86 9.70 5.49
CA PRO A 60 -9.27 11.03 4.94
C PRO A 60 -8.32 11.53 3.85
N SER A 61 -7.20 10.83 3.69
CA SER A 61 -6.20 11.20 2.69
C SER A 61 -5.52 9.96 2.13
N LYS A 62 -5.10 10.06 0.88
CA LYS A 62 -4.42 8.94 0.22
C LYS A 62 -3.13 8.60 0.94
N LYS A 63 -2.42 9.62 1.39
CA LYS A 63 -1.15 9.42 2.07
C LYS A 63 -1.36 8.57 3.34
N GLN A 64 -2.38 8.92 4.11
CA GLN A 64 -2.67 8.18 5.32
C GLN A 64 -3.10 6.75 4.98
N ALA A 65 -3.90 6.62 3.94
CA ALA A 65 -4.38 5.32 3.52
C ALA A 65 -3.23 4.42 3.12
N LYS A 66 -2.25 4.98 2.40
CA LYS A 66 -1.11 4.20 1.96
C LYS A 66 -0.37 3.64 3.16
N MET A 67 -0.25 4.47 4.20
CA MET A 67 0.48 4.05 5.39
C MET A 67 -0.16 2.83 6.00
N GLY A 68 -1.47 2.84 6.07
CA GLY A 68 -2.19 1.70 6.64
C GLY A 68 -2.08 0.48 5.72
N ALA A 69 -2.25 0.70 4.42
CA ALA A 69 -2.18 -0.39 3.46
C ALA A 69 -0.78 -1.00 3.45
N ALA A 70 0.24 -0.15 3.47
CA ALA A 70 1.62 -0.64 3.45
C ALA A 70 1.92 -1.49 4.69
N MET A 71 1.52 -0.99 5.84
CA MET A 71 1.72 -1.70 7.09
C MET A 71 0.97 -3.02 7.08
N ASP A 72 -0.24 -3.02 6.50
CA ASP A 72 -1.05 -4.22 6.45
C ASP A 72 -0.31 -5.34 5.75
N ALA A 73 0.24 -5.03 4.57
CA ALA A 73 0.99 -6.03 3.82
C ALA A 73 2.21 -6.48 4.60
N LEU A 74 2.86 -5.53 5.26
CA LEU A 74 4.06 -5.82 6.04
C LEU A 74 3.74 -6.81 7.15
N GLU A 75 2.67 -6.53 7.90
CA GLU A 75 2.28 -7.41 9.00
C GLU A 75 1.89 -8.79 8.49
N LYS A 76 1.17 -8.81 7.37
CA LYS A 76 0.74 -10.06 6.77
C LYS A 76 1.86 -10.65 5.91
N TYR A 77 2.90 -9.85 5.67
CA TYR A 77 4.03 -10.30 4.85
C TYR A 77 3.52 -11.04 3.63
N ASN A 78 2.51 -10.48 2.96
CA ASN A 78 1.93 -11.10 1.78
C ASN A 78 2.78 -10.79 0.55
N PHE A 79 3.32 -11.85 -0.07
CA PHE A 79 4.15 -11.69 -1.25
C PHE A 79 4.37 -13.06 -1.91
N PRO A 80 4.99 -13.99 -1.22
CA PRO A 80 5.26 -15.35 -1.77
C PRO A 80 3.96 -16.10 -2.06
N GLN A 81 4.01 -17.00 -3.04
CA GLN A 81 2.84 -17.78 -3.40
C GLN A 81 3.26 -19.05 -4.16
N MET A 82 4.54 -19.38 -4.10
CA MET A 82 5.07 -20.56 -4.78
C MET A 82 6.27 -21.12 -4.02
N GLY A 1 10.76 -1.11 11.01
CA GLY A 1 11.07 0.07 10.14
C GLY A 1 11.35 1.28 11.01
N PRO A 2 11.43 2.44 10.42
CA PRO A 2 11.71 3.72 11.16
C PRO A 2 10.74 3.92 12.32
N GLY A 3 9.48 3.58 12.09
CA GLY A 3 8.45 3.74 13.12
C GLY A 3 8.04 5.19 13.27
N ASN A 4 9.02 6.09 13.23
CA ASN A 4 8.73 7.52 13.37
C ASN A 4 8.30 8.11 12.04
N ASP A 5 8.27 7.28 10.99
CA ASP A 5 7.87 7.74 9.67
C ASP A 5 6.90 6.75 9.01
N PRO A 6 6.01 7.21 8.14
CA PRO A 6 5.05 6.30 7.43
C PRO A 6 5.76 5.12 6.77
N ILE A 7 5.08 3.98 6.75
CA ILE A 7 5.64 2.77 6.14
C ILE A 7 5.78 2.98 4.64
N SER A 8 5.08 3.96 4.11
CA SER A 8 5.14 4.23 2.68
C SER A 8 6.59 4.29 2.23
N GLN A 9 7.47 4.73 3.14
CA GLN A 9 8.88 4.81 2.82
C GLN A 9 9.42 3.43 2.44
N LEU A 10 9.16 2.43 3.28
CA LEU A 10 9.64 1.09 3.02
C LEU A 10 8.91 0.51 1.81
N GLN A 11 7.59 0.65 1.80
CA GLN A 11 6.79 0.13 0.69
C GLN A 11 7.24 0.78 -0.62
N GLN A 12 7.54 2.06 -0.58
CA GLN A 12 8.00 2.75 -1.78
C GLN A 12 9.34 2.19 -2.25
N CYS A 13 10.21 1.87 -1.29
CA CYS A 13 11.52 1.33 -1.60
C CYS A 13 11.39 0.01 -2.36
N CYS A 14 10.35 -0.75 -2.04
CA CYS A 14 10.15 -2.05 -2.70
C CYS A 14 10.04 -1.87 -4.22
N LEU A 15 9.43 -0.77 -4.65
CA LEU A 15 9.28 -0.51 -6.08
C LEU A 15 10.65 -0.45 -6.77
N THR A 16 11.69 -0.16 -5.99
CA THR A 16 13.04 -0.08 -6.54
C THR A 16 13.64 -1.48 -6.69
N LEU A 17 12.86 -2.49 -6.33
CA LEU A 17 13.34 -3.87 -6.42
C LEU A 17 13.37 -4.32 -7.88
N ARG A 18 13.94 -3.48 -8.75
CA ARG A 18 14.02 -3.83 -10.16
C ARG A 18 15.03 -4.95 -10.37
N THR A 19 14.54 -6.09 -10.84
CA THR A 19 15.42 -7.25 -11.09
C THR A 19 15.02 -7.95 -12.39
N GLU A 20 16.02 -8.30 -13.19
CA GLU A 20 15.76 -8.97 -14.45
C GLU A 20 15.15 -10.36 -14.19
N GLY A 21 14.08 -10.67 -14.89
CA GLY A 21 13.40 -11.96 -14.73
C GLY A 21 12.25 -11.85 -13.74
N LYS A 22 11.98 -10.64 -13.27
CA LYS A 22 10.89 -10.43 -12.32
C LYS A 22 9.56 -10.36 -13.06
N GLU A 23 8.47 -10.64 -12.35
CA GLU A 23 7.15 -10.62 -12.95
C GLU A 23 6.80 -9.22 -13.45
N PRO A 24 6.01 -9.12 -14.49
CA PRO A 24 5.59 -7.81 -15.07
C PRO A 24 4.68 -7.04 -14.14
N ASP A 25 4.52 -5.74 -14.41
CA ASP A 25 3.68 -4.88 -13.59
C ASP A 25 4.33 -4.67 -12.22
N ILE A 26 4.00 -3.55 -11.59
CA ILE A 26 4.56 -3.24 -10.27
C ILE A 26 3.49 -2.64 -9.36
N PRO A 27 3.65 -2.78 -8.06
CA PRO A 27 2.67 -2.24 -7.08
C PRO A 27 2.68 -0.71 -7.05
N LEU A 28 1.50 -0.11 -7.05
CA LEU A 28 1.37 1.35 -7.02
C LEU A 28 0.21 1.75 -6.11
N TYR A 29 0.39 2.87 -5.40
CA TYR A 29 -0.65 3.36 -4.51
C TYR A 29 -1.60 4.29 -5.26
N LYS A 30 -2.87 3.91 -5.33
CA LYS A 30 -3.87 4.71 -6.01
C LYS A 30 -5.25 4.48 -5.41
N THR A 31 -6.16 5.42 -5.65
CA THR A 31 -7.52 5.31 -5.11
C THR A 31 -8.38 4.46 -6.06
N LEU A 32 -9.11 3.50 -5.49
CA LEU A 32 -9.98 2.63 -6.29
C LEU A 32 -11.38 3.20 -6.36
N GLN A 33 -11.85 3.76 -5.25
CA GLN A 33 -13.20 4.32 -5.19
C GLN A 33 -13.32 5.32 -4.04
N THR A 34 -14.20 6.29 -4.20
CA THR A 34 -14.42 7.31 -3.18
C THR A 34 -15.63 6.95 -2.33
N VAL A 35 -15.59 7.31 -1.05
CA VAL A 35 -16.69 7.02 -0.13
C VAL A 35 -16.99 8.22 0.75
N GLY A 36 -18.24 8.36 1.18
CA GLY A 36 -18.66 9.48 2.02
C GLY A 36 -19.51 9.00 3.20
N PRO A 37 -18.92 8.30 4.13
CA PRO A 37 -19.65 7.76 5.32
C PRO A 37 -19.93 8.87 6.34
N SER A 38 -19.36 10.04 6.12
CA SER A 38 -19.54 11.18 7.02
C SER A 38 -19.54 12.49 6.25
N HIS A 39 -19.50 13.61 6.97
CA HIS A 39 -19.51 14.91 6.34
C HIS A 39 -18.30 15.07 5.41
N ALA A 40 -17.13 14.62 5.87
CA ALA A 40 -15.92 14.71 5.07
C ALA A 40 -15.81 13.52 4.12
N ARG A 41 -15.23 13.74 2.95
CA ARG A 41 -15.07 12.68 1.97
C ARG A 41 -13.91 11.77 2.35
N THR A 42 -14.01 10.50 1.96
CA THR A 42 -12.96 9.51 2.27
C THR A 42 -12.56 8.76 1.00
N TYR A 43 -11.30 8.31 0.97
CA TYR A 43 -10.78 7.58 -0.18
C TYR A 43 -10.24 6.23 0.26
N THR A 44 -10.38 5.22 -0.61
CA THR A 44 -9.89 3.88 -0.31
C THR A 44 -8.73 3.53 -1.23
N VAL A 45 -7.72 2.85 -0.67
CA VAL A 45 -6.56 2.45 -1.45
C VAL A 45 -6.25 0.98 -1.25
N ALA A 46 -5.63 0.37 -2.25
CA ALA A 46 -5.29 -1.05 -2.18
C ALA A 46 -4.00 -1.34 -2.94
N VAL A 47 -3.07 -2.00 -2.27
CA VAL A 47 -1.78 -2.35 -2.89
C VAL A 47 -1.91 -3.69 -3.61
N TYR A 48 -1.52 -3.70 -4.88
CA TYR A 48 -1.58 -4.91 -5.69
C TYR A 48 -0.20 -5.31 -6.15
N PHE A 49 0.27 -6.46 -5.66
CA PHE A 49 1.59 -6.95 -6.01
C PHE A 49 1.48 -8.07 -7.03
N LYS A 50 2.28 -8.00 -8.08
CA LYS A 50 2.25 -9.02 -9.13
C LYS A 50 0.80 -9.41 -9.48
N GLY A 51 -0.14 -8.48 -9.27
CA GLY A 51 -1.54 -8.76 -9.56
C GLY A 51 -2.23 -9.45 -8.39
N GLU A 52 -1.71 -9.24 -7.17
CA GLU A 52 -2.30 -9.86 -5.98
C GLU A 52 -2.37 -8.84 -4.83
N ARG A 53 -3.60 -8.58 -4.37
CA ARG A 53 -3.82 -7.64 -3.29
C ARG A 53 -3.30 -8.20 -1.99
N ILE A 54 -2.47 -7.41 -1.30
CA ILE A 54 -1.92 -7.85 -0.02
C ILE A 54 -2.06 -6.75 1.04
N GLY A 55 -2.78 -5.69 0.70
CA GLY A 55 -2.98 -4.59 1.63
C GLY A 55 -4.14 -3.71 1.19
N CYS A 56 -4.93 -3.24 2.15
CA CYS A 56 -6.06 -2.38 1.83
C CYS A 56 -6.42 -1.51 3.04
N GLY A 57 -6.69 -0.24 2.78
CA GLY A 57 -7.05 0.68 3.86
C GLY A 57 -7.85 1.86 3.32
N LYS A 58 -8.48 2.61 4.22
CA LYS A 58 -9.28 3.76 3.82
C LYS A 58 -9.25 4.82 4.92
N GLY A 59 -9.57 6.05 4.55
CA GLY A 59 -9.58 7.14 5.52
C GLY A 59 -9.82 8.49 4.84
N PRO A 60 -9.83 9.55 5.60
CA PRO A 60 -10.05 10.93 5.05
C PRO A 60 -8.87 11.42 4.22
N SER A 61 -7.76 10.68 4.29
CA SER A 61 -6.57 11.04 3.53
C SER A 61 -5.80 9.79 3.10
N LYS A 62 -5.23 9.84 1.90
CA LYS A 62 -4.48 8.71 1.38
C LYS A 62 -3.25 8.45 2.24
N LYS A 63 -2.72 9.51 2.82
CA LYS A 63 -1.53 9.37 3.66
C LYS A 63 -1.82 8.47 4.85
N GLN A 64 -2.97 8.69 5.49
CA GLN A 64 -3.36 7.88 6.65
C GLN A 64 -3.58 6.44 6.23
N ALA A 65 -4.24 6.25 5.10
CA ALA A 65 -4.49 4.91 4.59
C ALA A 65 -3.19 4.25 4.12
N LYS A 66 -2.27 5.07 3.60
CA LYS A 66 -0.99 4.55 3.11
C LYS A 66 -0.21 3.84 4.20
N MET A 67 0.10 4.54 5.27
CA MET A 67 0.86 3.96 6.36
C MET A 67 0.14 2.73 6.90
N GLY A 68 -1.18 2.82 7.03
CA GLY A 68 -1.95 1.69 7.54
C GLY A 68 -1.99 0.53 6.53
N ALA A 69 -2.41 0.85 5.31
CA ALA A 69 -2.50 -0.17 4.26
C ALA A 69 -1.13 -0.73 3.91
N ALA A 70 -0.15 0.15 3.81
CA ALA A 70 1.21 -0.26 3.48
C ALA A 70 1.77 -1.19 4.55
N MET A 71 1.50 -0.84 5.81
CA MET A 71 1.96 -1.65 6.92
C MET A 71 1.38 -3.06 6.84
N ASP A 72 0.11 -3.17 6.44
CA ASP A 72 -0.52 -4.46 6.33
C ASP A 72 0.21 -5.34 5.32
N ALA A 73 0.44 -4.79 4.12
CA ALA A 73 1.13 -5.53 3.08
C ALA A 73 2.56 -5.84 3.50
N LEU A 74 3.24 -4.85 4.05
CA LEU A 74 4.62 -5.04 4.48
C LEU A 74 4.71 -6.12 5.54
N GLU A 75 3.84 -6.03 6.54
CA GLU A 75 3.84 -7.01 7.62
C GLU A 75 3.37 -8.37 7.12
N LYS A 76 2.41 -8.36 6.21
CA LYS A 76 1.88 -9.60 5.68
C LYS A 76 2.94 -10.35 4.89
N TYR A 77 3.78 -9.61 4.19
CA TYR A 77 4.86 -10.22 3.41
C TYR A 77 5.86 -9.18 2.94
N ASN A 78 7.06 -9.22 3.51
CA ASN A 78 8.10 -8.29 3.12
C ASN A 78 8.89 -8.81 1.92
N PHE A 79 8.95 -8.01 0.87
CA PHE A 79 9.69 -8.38 -0.33
C PHE A 79 11.20 -8.24 -0.10
N PRO A 80 11.67 -7.06 0.22
CA PRO A 80 13.12 -6.82 0.45
C PRO A 80 13.65 -7.63 1.64
N GLN A 81 14.84 -8.19 1.48
CA GLN A 81 15.46 -8.98 2.53
C GLN A 81 15.88 -8.09 3.69
N MET A 82 16.43 -6.93 3.36
CA MET A 82 16.89 -5.99 4.38
C MET A 82 15.76 -5.04 4.77
N GLY A 1 8.99 20.33 8.86
CA GLY A 1 9.74 19.21 9.50
C GLY A 1 9.71 17.99 8.59
N PRO A 2 10.48 16.99 8.90
CA PRO A 2 10.54 15.73 8.10
C PRO A 2 9.22 14.96 8.14
N GLY A 3 8.43 15.22 9.17
CA GLY A 3 7.14 14.54 9.32
C GLY A 3 7.34 13.12 9.84
N ASN A 4 6.34 12.27 9.61
CA ASN A 4 6.41 10.89 10.05
C ASN A 4 7.17 10.04 9.03
N ASP A 5 7.20 8.73 9.26
CA ASP A 5 7.89 7.80 8.37
C ASP A 5 6.96 6.67 7.92
N PRO A 6 6.14 6.93 6.94
CA PRO A 6 5.17 5.92 6.41
C PRO A 6 5.87 4.64 5.94
N ILE A 7 5.20 3.51 6.13
CA ILE A 7 5.75 2.22 5.72
C ILE A 7 5.82 2.13 4.22
N SER A 8 5.20 3.08 3.55
CA SER A 8 5.19 3.08 2.10
C SER A 8 6.62 3.05 1.60
N GLN A 9 7.53 3.65 2.36
CA GLN A 9 8.93 3.67 1.96
C GLN A 9 9.49 2.25 1.87
N LEU A 10 9.32 1.49 2.96
CA LEU A 10 9.80 0.11 3.00
C LEU A 10 9.04 -0.73 1.98
N GLN A 11 7.73 -0.54 1.95
CA GLN A 11 6.91 -1.29 1.01
C GLN A 11 7.35 -1.00 -0.42
N GLN A 12 7.72 0.25 -0.69
CA GLN A 12 8.14 0.65 -2.02
C GLN A 12 9.36 -0.18 -2.45
N CYS A 13 10.31 -0.33 -1.55
CA CYS A 13 11.50 -1.12 -1.87
C CYS A 13 11.11 -2.57 -2.20
N CYS A 14 10.22 -3.13 -1.39
CA CYS A 14 9.77 -4.51 -1.62
C CYS A 14 9.01 -4.62 -2.94
N LEU A 15 8.19 -3.62 -3.24
CA LEU A 15 7.41 -3.62 -4.46
C LEU A 15 8.30 -3.61 -5.69
N THR A 16 9.38 -2.86 -5.63
CA THR A 16 10.31 -2.79 -6.75
C THR A 16 11.05 -4.11 -6.92
N LEU A 17 11.27 -4.79 -5.80
CA LEU A 17 11.97 -6.07 -5.81
C LEU A 17 13.31 -5.95 -6.55
N ARG A 18 14.25 -5.24 -5.93
CA ARG A 18 15.57 -5.05 -6.54
C ARG A 18 16.37 -6.34 -6.51
N THR A 19 16.49 -6.99 -7.66
CA THR A 19 17.24 -8.25 -7.77
C THR A 19 18.05 -8.28 -9.07
N GLU A 20 19.32 -8.64 -8.95
CA GLU A 20 20.19 -8.71 -10.12
C GLU A 20 19.73 -9.83 -11.03
N GLY A 21 19.79 -9.59 -12.34
CA GLY A 21 19.38 -10.59 -13.33
C GLY A 21 17.89 -10.50 -13.59
N LYS A 22 17.20 -9.62 -12.86
CA LYS A 22 15.77 -9.44 -13.04
C LYS A 22 15.39 -7.97 -12.86
N GLU A 23 14.72 -7.41 -13.85
CA GLU A 23 14.31 -6.02 -13.80
C GLU A 23 13.20 -5.82 -12.75
N PRO A 24 13.13 -4.65 -12.15
CA PRO A 24 12.09 -4.35 -11.13
C PRO A 24 10.70 -4.25 -11.76
N ASP A 25 9.67 -4.45 -10.93
CA ASP A 25 8.30 -4.38 -11.42
C ASP A 25 7.84 -2.93 -11.51
N ILE A 26 6.55 -2.73 -11.81
CA ILE A 26 6.01 -1.38 -11.92
C ILE A 26 4.75 -1.24 -11.05
N PRO A 27 4.90 -0.84 -9.81
CA PRO A 27 3.74 -0.66 -8.88
C PRO A 27 2.99 0.64 -9.14
N LEU A 28 1.71 0.68 -8.76
CA LEU A 28 0.89 1.87 -8.95
C LEU A 28 0.03 2.10 -7.72
N TYR A 29 -0.25 3.37 -7.42
CA TYR A 29 -1.06 3.73 -6.26
C TYR A 29 -2.17 4.68 -6.66
N LYS A 30 -3.40 4.19 -6.65
CA LYS A 30 -4.55 5.02 -7.02
C LYS A 30 -5.80 4.57 -6.27
N THR A 31 -6.53 5.53 -5.71
CA THR A 31 -7.76 5.21 -4.98
C THR A 31 -8.76 4.50 -5.90
N LEU A 32 -9.55 3.61 -5.32
CA LEU A 32 -10.54 2.87 -6.10
C LEU A 32 -11.84 3.64 -6.19
N GLN A 33 -12.31 4.15 -5.06
CA GLN A 33 -13.55 4.91 -5.02
C GLN A 33 -13.62 5.76 -3.74
N THR A 34 -14.52 6.74 -3.74
CA THR A 34 -14.70 7.61 -2.58
C THR A 34 -15.99 7.23 -1.85
N VAL A 35 -15.87 6.94 -0.56
CA VAL A 35 -17.02 6.55 0.25
C VAL A 35 -17.41 7.70 1.18
N GLY A 36 -18.71 7.90 1.35
CA GLY A 36 -19.22 8.98 2.20
C GLY A 36 -20.11 8.42 3.32
N PRO A 37 -19.53 7.79 4.31
CA PRO A 37 -20.32 7.20 5.44
C PRO A 37 -20.81 8.28 6.41
N SER A 38 -20.29 9.49 6.28
CA SER A 38 -20.67 10.59 7.15
C SER A 38 -20.42 11.93 6.47
N HIS A 39 -20.68 13.02 7.19
CA HIS A 39 -20.50 14.35 6.64
C HIS A 39 -19.10 14.49 6.04
N ALA A 40 -18.14 13.76 6.60
CA ALA A 40 -16.76 13.79 6.10
C ALA A 40 -16.56 12.74 5.02
N ARG A 41 -15.90 13.12 3.93
CA ARG A 41 -15.65 12.20 2.83
C ARG A 41 -14.41 11.35 3.14
N THR A 42 -14.44 10.09 2.68
CA THR A 42 -13.33 9.18 2.91
C THR A 42 -12.90 8.54 1.59
N TYR A 43 -11.62 8.23 1.47
CA TYR A 43 -11.08 7.62 0.25
C TYR A 43 -10.54 6.23 0.55
N THR A 44 -10.74 5.31 -0.39
CA THR A 44 -10.28 3.93 -0.24
C THR A 44 -9.26 3.60 -1.30
N VAL A 45 -8.12 3.07 -0.87
CA VAL A 45 -7.04 2.72 -1.79
C VAL A 45 -6.42 1.38 -1.40
N ALA A 46 -5.87 0.67 -2.39
CA ALA A 46 -5.25 -0.61 -2.14
C ALA A 46 -4.00 -0.77 -2.99
N VAL A 47 -2.96 -1.34 -2.40
CA VAL A 47 -1.70 -1.55 -3.10
C VAL A 47 -1.74 -2.87 -3.87
N TYR A 48 -1.37 -2.81 -5.15
CA TYR A 48 -1.36 -4.02 -5.98
C TYR A 48 0.06 -4.46 -6.27
N PHE A 49 0.30 -5.76 -6.14
CA PHE A 49 1.63 -6.32 -6.38
C PHE A 49 1.51 -7.71 -7.01
N LYS A 50 2.24 -7.91 -8.10
CA LYS A 50 2.22 -9.19 -8.79
C LYS A 50 0.79 -9.57 -9.18
N GLY A 51 -0.10 -8.58 -9.22
CA GLY A 51 -1.49 -8.83 -9.58
C GLY A 51 -2.29 -9.26 -8.35
N GLU A 52 -1.70 -9.09 -7.16
CA GLU A 52 -2.37 -9.47 -5.92
C GLU A 52 -2.20 -8.36 -4.88
N ARG A 53 -3.31 -7.98 -4.26
CA ARG A 53 -3.30 -6.94 -3.25
C ARG A 53 -2.54 -7.40 -2.03
N ILE A 54 -1.74 -6.50 -1.44
CA ILE A 54 -0.95 -6.83 -0.26
C ILE A 54 -1.38 -5.98 0.94
N GLY A 55 -2.12 -4.91 0.68
CA GLY A 55 -2.58 -4.03 1.74
C GLY A 55 -3.74 -3.16 1.26
N CYS A 56 -4.71 -2.95 2.13
CA CYS A 56 -5.88 -2.13 1.78
C CYS A 56 -6.38 -1.39 3.01
N GLY A 57 -6.65 -0.10 2.84
CA GLY A 57 -7.14 0.72 3.95
C GLY A 57 -7.91 1.92 3.43
N LYS A 58 -8.57 2.64 4.34
CA LYS A 58 -9.34 3.82 3.97
C LYS A 58 -9.26 4.87 5.07
N GLY A 59 -9.62 6.11 4.73
CA GLY A 59 -9.58 7.19 5.70
C GLY A 59 -9.84 8.54 5.01
N PRO A 60 -9.62 9.61 5.73
CA PRO A 60 -9.83 10.99 5.19
C PRO A 60 -9.06 11.22 3.89
N SER A 61 -7.93 10.54 3.74
CA SER A 61 -7.11 10.69 2.53
C SER A 61 -6.25 9.46 2.33
N LYS A 62 -5.71 9.33 1.11
CA LYS A 62 -4.86 8.20 0.78
C LYS A 62 -3.62 8.18 1.65
N LYS A 63 -3.23 9.34 2.16
CA LYS A 63 -2.04 9.44 3.00
C LYS A 63 -2.14 8.48 4.19
N GLN A 64 -3.20 8.65 4.99
CA GLN A 64 -3.41 7.79 6.14
C GLN A 64 -3.65 6.35 5.72
N ALA A 65 -4.38 6.18 4.62
CA ALA A 65 -4.68 4.83 4.12
C ALA A 65 -3.39 4.12 3.73
N LYS A 66 -2.48 4.84 3.09
CA LYS A 66 -1.19 4.27 2.67
C LYS A 66 -0.41 3.77 3.88
N MET A 67 -0.42 4.54 4.95
CA MET A 67 0.31 4.15 6.15
C MET A 67 -0.20 2.82 6.67
N GLY A 68 -1.53 2.71 6.80
CA GLY A 68 -2.13 1.48 7.29
C GLY A 68 -2.00 0.35 6.27
N ALA A 69 -2.27 0.67 5.00
CA ALA A 69 -2.18 -0.33 3.94
C ALA A 69 -0.76 -0.87 3.79
N ALA A 70 0.20 0.05 3.76
CA ALA A 70 1.60 -0.35 3.62
C ALA A 70 2.05 -1.18 4.83
N MET A 71 1.67 -0.72 6.02
CA MET A 71 2.00 -1.42 7.24
C MET A 71 1.38 -2.82 7.27
N ASP A 72 0.15 -2.93 6.76
CA ASP A 72 -0.53 -4.22 6.75
C ASP A 72 0.28 -5.24 5.96
N ALA A 73 0.75 -4.84 4.78
CA ALA A 73 1.56 -5.75 3.96
C ALA A 73 2.87 -6.08 4.66
N LEU A 74 3.47 -5.06 5.27
CA LEU A 74 4.75 -5.26 5.96
C LEU A 74 4.60 -6.30 7.07
N GLU A 75 3.53 -6.17 7.85
CA GLU A 75 3.31 -7.11 8.94
C GLU A 75 3.08 -8.52 8.39
N LYS A 76 2.34 -8.60 7.29
CA LYS A 76 2.05 -9.89 6.67
C LYS A 76 3.28 -10.42 5.92
N TYR A 77 4.18 -9.50 5.59
CA TYR A 77 5.40 -9.87 4.88
C TYR A 77 5.05 -10.54 3.53
N ASN A 78 5.05 -9.74 2.47
CA ASN A 78 4.74 -10.25 1.14
C ASN A 78 5.96 -10.94 0.54
N PHE A 79 5.72 -11.96 -0.27
CA PHE A 79 6.80 -12.71 -0.90
C PHE A 79 7.83 -13.13 0.14
N PRO A 80 7.41 -13.86 1.15
CA PRO A 80 8.33 -14.33 2.23
C PRO A 80 9.29 -15.42 1.75
N GLN A 81 9.78 -15.28 0.52
CA GLN A 81 10.72 -16.24 -0.06
C GLN A 81 10.00 -17.56 -0.34
N MET A 82 9.17 -18.00 0.59
CA MET A 82 8.43 -19.24 0.43
C MET A 82 9.40 -20.41 0.23
N GLY A 1 5.93 15.23 7.17
CA GLY A 1 7.40 15.38 7.42
C GLY A 1 8.17 14.62 6.35
N PRO A 2 8.22 15.15 5.14
CA PRO A 2 8.94 14.51 4.00
C PRO A 2 10.39 14.19 4.36
N GLY A 3 11.03 15.09 5.10
CA GLY A 3 12.42 14.91 5.50
C GLY A 3 12.56 13.76 6.50
N ASN A 4 11.44 13.40 7.14
CA ASN A 4 11.45 12.32 8.12
C ASN A 4 11.52 10.98 7.43
N ASP A 5 11.49 9.90 8.22
CA ASP A 5 11.54 8.54 7.68
C ASP A 5 10.46 7.67 8.29
N PRO A 6 9.23 7.87 7.89
CA PRO A 6 8.08 7.09 8.41
C PRO A 6 7.95 5.73 7.71
N ILE A 7 6.76 5.15 7.76
CA ILE A 7 6.51 3.85 7.14
C ILE A 7 6.70 3.97 5.63
N SER A 8 6.84 5.19 5.15
CA SER A 8 7.00 5.39 3.72
C SER A 8 8.18 4.58 3.23
N GLN A 9 9.13 4.34 4.12
CA GLN A 9 10.30 3.55 3.74
C GLN A 9 9.91 2.13 3.37
N LEU A 10 9.16 1.48 4.26
CA LEU A 10 8.71 0.12 4.02
C LEU A 10 7.77 0.09 2.84
N GLN A 11 6.94 1.12 2.73
CA GLN A 11 5.98 1.19 1.64
C GLN A 11 6.70 1.11 0.29
N GLN A 12 7.76 1.89 0.13
CA GLN A 12 8.50 1.89 -1.12
C GLN A 12 9.10 0.51 -1.38
N CYS A 13 9.70 -0.08 -0.35
CA CYS A 13 10.29 -1.40 -0.47
C CYS A 13 9.23 -2.46 -0.80
N CYS A 14 8.12 -2.42 -0.08
CA CYS A 14 7.04 -3.37 -0.28
C CYS A 14 6.48 -3.29 -1.70
N LEU A 15 6.21 -2.07 -2.15
CA LEU A 15 5.66 -1.87 -3.49
C LEU A 15 6.64 -2.36 -4.55
N THR A 16 7.92 -2.01 -4.39
CA THR A 16 8.93 -2.44 -5.35
C THR A 16 9.28 -3.91 -5.14
N LEU A 17 9.21 -4.34 -3.89
CA LEU A 17 9.53 -5.73 -3.54
C LEU A 17 10.72 -6.23 -4.35
N ARG A 18 11.89 -5.67 -4.09
CA ARG A 18 13.09 -6.06 -4.82
C ARG A 18 13.49 -7.48 -4.44
N THR A 19 13.71 -8.32 -5.45
CA THR A 19 14.11 -9.71 -5.23
C THR A 19 15.17 -10.14 -6.24
N GLU A 20 16.19 -10.83 -5.75
CA GLU A 20 17.26 -11.29 -6.62
C GLU A 20 16.74 -12.34 -7.60
N GLY A 21 17.08 -12.17 -8.89
CA GLY A 21 16.64 -13.10 -9.93
C GLY A 21 15.32 -12.65 -10.54
N LYS A 22 14.69 -11.65 -9.93
CA LYS A 22 13.42 -11.13 -10.45
C LYS A 22 13.41 -9.61 -10.39
N GLU A 23 13.20 -9.00 -11.54
CA GLU A 23 13.17 -7.54 -11.63
C GLU A 23 11.90 -6.99 -10.97
N PRO A 24 11.97 -5.80 -10.40
CA PRO A 24 10.78 -5.17 -9.74
C PRO A 24 9.69 -4.82 -10.75
N ASP A 25 8.43 -4.94 -10.32
CA ASP A 25 7.29 -4.65 -11.18
C ASP A 25 7.01 -3.15 -11.18
N ILE A 26 5.87 -2.76 -11.76
CA ILE A 26 5.50 -1.35 -11.81
C ILE A 26 4.19 -1.13 -11.05
N PRO A 27 4.26 -0.82 -9.77
CA PRO A 27 3.06 -0.57 -8.93
C PRO A 27 2.51 0.84 -9.11
N LEU A 28 1.19 0.97 -9.04
CA LEU A 28 0.54 2.27 -9.19
C LEU A 28 -0.61 2.41 -8.20
N TYR A 29 -0.87 3.63 -7.75
CA TYR A 29 -1.94 3.89 -6.81
C TYR A 29 -3.21 4.31 -7.55
N LYS A 30 -4.33 3.68 -7.20
CA LYS A 30 -5.61 4.00 -7.83
C LYS A 30 -6.74 3.92 -6.81
N THR A 31 -7.79 4.71 -7.04
CA THR A 31 -8.94 4.71 -6.13
C THR A 31 -9.73 3.42 -6.29
N LEU A 32 -9.90 2.69 -5.19
CA LEU A 32 -10.63 1.44 -5.23
C LEU A 32 -12.13 1.70 -5.03
N GLN A 33 -12.45 2.41 -3.95
CA GLN A 33 -13.84 2.72 -3.64
C GLN A 33 -13.93 3.89 -2.68
N THR A 34 -15.01 4.66 -2.77
CA THR A 34 -15.20 5.81 -1.89
C THR A 34 -16.27 5.49 -0.85
N VAL A 35 -15.98 5.83 0.40
CA VAL A 35 -16.92 5.57 1.49
C VAL A 35 -16.98 6.78 2.43
N GLY A 36 -18.09 6.92 3.15
CA GLY A 36 -18.26 8.04 4.08
C GLY A 36 -19.16 7.64 5.25
N PRO A 37 -18.78 6.66 6.01
CA PRO A 37 -19.58 6.18 7.17
C PRO A 37 -19.63 7.21 8.30
N SER A 38 -18.61 8.07 8.36
CA SER A 38 -18.53 9.11 9.39
C SER A 38 -18.83 10.47 8.79
N HIS A 39 -18.71 11.51 9.61
CA HIS A 39 -18.98 12.87 9.15
C HIS A 39 -18.06 13.22 7.99
N ALA A 40 -16.77 12.95 8.16
CA ALA A 40 -15.78 13.23 7.12
C ALA A 40 -15.72 12.09 6.10
N ARG A 41 -15.50 12.43 4.84
CA ARG A 41 -15.41 11.43 3.79
C ARG A 41 -14.04 10.76 3.80
N THR A 42 -14.00 9.48 3.47
CA THR A 42 -12.75 8.72 3.44
C THR A 42 -12.63 7.95 2.12
N TYR A 43 -11.39 7.74 1.68
CA TYR A 43 -11.12 7.03 0.43
C TYR A 43 -10.48 5.68 0.72
N THR A 44 -10.77 4.70 -0.12
CA THR A 44 -10.22 3.35 0.06
C THR A 44 -9.32 3.01 -1.11
N VAL A 45 -8.07 2.63 -0.81
CA VAL A 45 -7.11 2.26 -1.84
C VAL A 45 -6.43 0.95 -1.48
N ALA A 46 -6.01 0.21 -2.51
CA ALA A 46 -5.34 -1.06 -2.29
C ALA A 46 -4.32 -1.33 -3.40
N VAL A 47 -3.08 -1.55 -3.00
CA VAL A 47 -2.01 -1.83 -3.95
C VAL A 47 -1.95 -3.33 -4.23
N TYR A 48 -1.49 -3.67 -5.44
CA TYR A 48 -1.39 -5.08 -5.84
C TYR A 48 0.01 -5.36 -6.38
N PHE A 49 0.41 -6.62 -6.28
CA PHE A 49 1.72 -7.04 -6.75
C PHE A 49 1.65 -8.45 -7.33
N LYS A 50 2.00 -8.58 -8.61
CA LYS A 50 1.96 -9.88 -9.26
C LYS A 50 0.52 -10.34 -9.49
N GLY A 51 -0.42 -9.40 -9.50
CA GLY A 51 -1.82 -9.73 -9.71
C GLY A 51 -2.50 -10.15 -8.40
N GLU A 52 -1.88 -9.78 -7.27
CA GLU A 52 -2.42 -10.12 -5.95
C GLU A 52 -2.29 -8.94 -5.01
N ARG A 53 -3.29 -8.76 -4.15
CA ARG A 53 -3.29 -7.66 -3.21
C ARG A 53 -2.09 -7.78 -2.28
N ILE A 54 -1.30 -6.71 -2.18
CA ILE A 54 -0.13 -6.72 -1.32
C ILE A 54 -0.33 -5.80 -0.12
N GLY A 55 -1.28 -4.87 -0.23
CA GLY A 55 -1.55 -3.93 0.86
C GLY A 55 -2.92 -3.28 0.68
N CYS A 56 -3.58 -2.95 1.78
CA CYS A 56 -4.89 -2.32 1.74
C CYS A 56 -5.09 -1.42 2.95
N GLY A 57 -5.47 -0.17 2.69
CA GLY A 57 -5.71 0.79 3.76
C GLY A 57 -6.67 1.88 3.32
N LYS A 58 -7.26 2.58 4.28
CA LYS A 58 -8.19 3.66 3.97
C LYS A 58 -8.12 4.75 5.04
N GLY A 59 -8.59 5.94 4.67
CA GLY A 59 -8.58 7.06 5.61
C GLY A 59 -9.01 8.35 4.92
N PRO A 60 -8.92 9.45 5.61
CA PRO A 60 -9.31 10.79 5.07
C PRO A 60 -8.56 11.13 3.77
N SER A 61 -7.36 10.57 3.62
CA SER A 61 -6.55 10.83 2.44
C SER A 61 -5.57 9.68 2.21
N LYS A 62 -5.15 9.53 0.96
CA LYS A 62 -4.22 8.46 0.59
C LYS A 62 -2.92 8.59 1.38
N LYS A 63 -2.43 9.83 1.49
CA LYS A 63 -1.19 10.04 2.21
C LYS A 63 -1.30 9.53 3.64
N GLN A 64 -2.46 9.71 4.26
CA GLN A 64 -2.66 9.23 5.62
C GLN A 64 -2.83 7.71 5.64
N ALA A 65 -3.63 7.21 4.70
CA ALA A 65 -3.91 5.78 4.60
C ALA A 65 -2.69 4.98 4.13
N LYS A 66 -1.73 5.67 3.54
CA LYS A 66 -0.54 5.00 3.02
C LYS A 66 0.12 4.18 4.11
N MET A 67 0.21 4.77 5.30
CA MET A 67 0.84 4.11 6.42
C MET A 67 0.12 2.83 6.76
N GLY A 68 -1.21 2.89 6.76
CA GLY A 68 -2.01 1.70 7.07
C GLY A 68 -1.87 0.65 5.99
N ALA A 69 -2.01 1.06 4.74
CA ALA A 69 -1.90 0.12 3.63
C ALA A 69 -0.52 -0.51 3.57
N ALA A 70 0.51 0.32 3.66
CA ALA A 70 1.88 -0.18 3.62
C ALA A 70 2.17 -1.10 4.79
N MET A 71 1.83 -0.65 5.99
CA MET A 71 2.05 -1.43 7.19
C MET A 71 1.28 -2.74 7.12
N ASP A 72 0.09 -2.70 6.53
CA ASP A 72 -0.72 -3.89 6.41
C ASP A 72 0.01 -4.94 5.58
N ALA A 73 0.66 -4.49 4.51
CA ALA A 73 1.40 -5.41 3.65
C ALA A 73 2.49 -6.11 4.44
N LEU A 74 3.23 -5.34 5.24
CA LEU A 74 4.30 -5.92 6.06
C LEU A 74 3.72 -6.92 7.05
N GLU A 75 2.61 -6.56 7.68
CA GLU A 75 1.97 -7.44 8.65
C GLU A 75 1.49 -8.72 7.96
N LYS A 76 0.92 -8.58 6.78
CA LYS A 76 0.42 -9.72 6.02
C LYS A 76 1.58 -10.49 5.40
N TYR A 77 2.64 -9.78 5.05
CA TYR A 77 3.81 -10.40 4.44
C TYR A 77 3.37 -11.42 3.39
N ASN A 78 2.82 -10.94 2.28
CA ASN A 78 2.36 -11.83 1.22
C ASN A 78 3.54 -12.31 0.38
N PHE A 79 3.54 -13.60 0.07
CA PHE A 79 4.64 -14.17 -0.72
C PHE A 79 4.51 -13.77 -2.20
N PRO A 80 5.61 -13.57 -2.88
CA PRO A 80 5.60 -13.19 -4.33
C PRO A 80 5.16 -14.35 -5.22
N GLN A 81 5.40 -15.58 -4.76
CA GLN A 81 5.05 -16.77 -5.52
C GLN A 81 3.55 -17.03 -5.43
N MET A 82 3.00 -17.67 -6.46
CA MET A 82 1.57 -18.00 -6.48
C MET A 82 1.31 -19.20 -7.37
N GLY A 1 10.77 9.28 20.04
CA GLY A 1 10.28 9.99 18.82
C GLY A 1 11.20 9.66 17.66
N PRO A 2 11.12 8.46 17.14
CA PRO A 2 11.97 8.00 16.00
C PRO A 2 11.80 8.90 14.78
N GLY A 3 12.91 9.17 14.10
CA GLY A 3 12.89 10.02 12.90
C GLY A 3 13.39 9.24 11.68
N ASN A 4 12.45 8.66 10.94
CA ASN A 4 12.81 7.90 9.74
C ASN A 4 11.61 7.78 8.82
N ASP A 5 11.82 7.14 7.67
CA ASP A 5 10.76 6.96 6.71
C ASP A 5 9.71 5.98 7.24
N PRO A 6 8.47 6.15 6.84
CA PRO A 6 7.35 5.27 7.29
C PRO A 6 7.50 3.86 6.75
N ILE A 7 6.43 3.07 6.89
CA ILE A 7 6.47 1.71 6.42
C ILE A 7 6.66 1.66 4.91
N SER A 8 6.22 2.70 4.23
CA SER A 8 6.33 2.75 2.78
C SER A 8 7.75 2.40 2.37
N GLN A 9 8.69 2.67 3.26
CA GLN A 9 10.09 2.40 2.97
C GLN A 9 10.28 0.90 2.71
N LEU A 10 9.74 0.08 3.60
CA LEU A 10 9.85 -1.36 3.45
C LEU A 10 9.17 -1.83 2.17
N GLN A 11 7.91 -1.42 2.01
CA GLN A 11 7.14 -1.81 0.84
C GLN A 11 7.83 -1.32 -0.42
N GLN A 12 8.37 -0.10 -0.36
CA GLN A 12 9.06 0.48 -1.51
C GLN A 12 10.27 -0.36 -1.88
N CYS A 13 11.00 -0.81 -0.86
CA CYS A 13 12.18 -1.64 -1.08
C CYS A 13 11.80 -2.93 -1.81
N CYS A 14 10.75 -3.58 -1.32
CA CYS A 14 10.29 -4.82 -1.93
C CYS A 14 9.88 -4.58 -3.38
N LEU A 15 9.20 -3.48 -3.63
CA LEU A 15 8.76 -3.15 -4.98
C LEU A 15 9.96 -2.94 -5.90
N THR A 16 10.99 -2.29 -5.37
CA THR A 16 12.20 -2.03 -6.15
C THR A 16 13.05 -3.29 -6.22
N LEU A 17 12.76 -4.25 -5.35
CA LEU A 17 13.53 -5.49 -5.32
C LEU A 17 13.12 -6.38 -6.49
N ARG A 18 14.08 -6.70 -7.35
CA ARG A 18 13.81 -7.54 -8.50
C ARG A 18 13.40 -8.94 -8.07
N THR A 19 12.32 -9.44 -8.64
CA THR A 19 11.82 -10.78 -8.31
C THR A 19 12.29 -11.79 -9.36
N GLU A 20 12.95 -12.85 -8.89
CA GLU A 20 13.44 -13.88 -9.80
C GLU A 20 12.28 -14.68 -10.38
N GLY A 21 12.29 -14.87 -11.70
CA GLY A 21 11.24 -15.63 -12.37
C GLY A 21 10.10 -14.70 -12.79
N LYS A 22 10.17 -13.45 -12.36
CA LYS A 22 9.13 -12.47 -12.70
C LYS A 22 9.76 -11.12 -13.03
N GLU A 23 9.18 -10.44 -14.01
CA GLU A 23 9.69 -9.14 -14.41
C GLU A 23 9.44 -8.09 -13.33
N PRO A 24 10.29 -7.09 -13.24
CA PRO A 24 10.13 -5.99 -12.25
C PRO A 24 8.69 -5.49 -12.18
N ASP A 25 8.38 -4.77 -11.10
CA ASP A 25 7.03 -4.23 -10.92
C ASP A 25 7.10 -2.89 -10.20
N ILE A 26 6.03 -2.11 -10.31
CA ILE A 26 5.97 -0.81 -9.68
C ILE A 26 4.63 -0.60 -8.99
N PRO A 27 4.60 0.17 -7.92
CA PRO A 27 3.35 0.45 -7.16
C PRO A 27 2.40 1.33 -7.95
N LEU A 28 1.10 1.10 -7.76
CA LEU A 28 0.08 1.89 -8.45
C LEU A 28 -1.07 2.21 -7.50
N TYR A 29 -1.19 3.48 -7.13
CA TYR A 29 -2.25 3.91 -6.23
C TYR A 29 -3.45 4.40 -7.02
N LYS A 30 -4.51 3.58 -7.06
CA LYS A 30 -5.73 3.95 -7.79
C LYS A 30 -6.95 3.73 -6.91
N THR A 31 -7.85 4.72 -6.93
CA THR A 31 -9.09 4.63 -6.14
C THR A 31 -10.31 4.78 -7.04
N LEU A 32 -11.36 4.02 -6.73
CA LEU A 32 -12.59 4.08 -7.52
C LEU A 32 -13.80 3.89 -6.62
N GLN A 33 -13.66 4.23 -5.35
CA GLN A 33 -14.75 4.08 -4.39
C GLN A 33 -14.53 4.98 -3.19
N THR A 34 -15.62 5.48 -2.61
CA THR A 34 -15.54 6.36 -1.44
C THR A 34 -16.53 5.92 -0.38
N VAL A 35 -16.15 6.11 0.88
CA VAL A 35 -16.99 5.72 2.01
C VAL A 35 -17.18 6.89 2.97
N GLY A 36 -18.30 6.87 3.70
CA GLY A 36 -18.59 7.95 4.63
C GLY A 36 -19.10 9.19 3.92
N PRO A 37 -20.11 9.03 3.10
CA PRO A 37 -20.71 10.16 2.34
C PRO A 37 -21.47 11.13 3.25
N SER A 38 -21.64 12.35 2.79
CA SER A 38 -22.35 13.37 3.56
C SER A 38 -21.49 13.84 4.74
N HIS A 39 -21.14 12.91 5.62
CA HIS A 39 -20.33 13.24 6.78
C HIS A 39 -18.85 13.30 6.40
N ALA A 40 -18.05 12.39 6.96
CA ALA A 40 -16.63 12.35 6.66
C ALA A 40 -16.37 11.50 5.41
N ARG A 41 -16.02 12.16 4.32
CA ARG A 41 -15.75 11.47 3.06
C ARG A 41 -14.36 10.85 3.10
N THR A 42 -14.27 9.56 2.79
CA THR A 42 -12.99 8.85 2.78
C THR A 42 -12.80 8.10 1.46
N TYR A 43 -11.55 7.95 1.05
CA TYR A 43 -11.24 7.25 -0.20
C TYR A 43 -10.60 5.90 0.09
N THR A 44 -10.89 4.92 -0.76
CA THR A 44 -10.33 3.57 -0.58
C THR A 44 -9.20 3.34 -1.57
N VAL A 45 -8.16 2.64 -1.11
CA VAL A 45 -7.01 2.35 -1.96
C VAL A 45 -6.53 0.92 -1.72
N ALA A 46 -6.12 0.25 -2.80
CA ALA A 46 -5.62 -1.12 -2.71
C ALA A 46 -4.39 -1.30 -3.58
N VAL A 47 -3.28 -1.67 -2.95
CA VAL A 47 -2.02 -1.87 -3.67
C VAL A 47 -1.94 -3.29 -4.20
N TYR A 48 -1.42 -3.45 -5.41
CA TYR A 48 -1.28 -4.77 -6.03
C TYR A 48 0.19 -5.12 -6.18
N PHE A 49 0.48 -6.42 -6.09
CA PHE A 49 1.86 -6.89 -6.21
C PHE A 49 1.89 -8.21 -6.95
N LYS A 50 2.49 -8.20 -8.14
CA LYS A 50 2.59 -9.41 -8.96
C LYS A 50 1.31 -10.24 -8.86
N GLY A 51 0.17 -9.55 -8.81
CA GLY A 51 -1.10 -10.23 -8.70
C GLY A 51 -1.45 -10.57 -7.26
N GLU A 52 -0.85 -9.83 -6.32
CA GLU A 52 -1.10 -10.06 -4.89
C GLU A 52 -1.24 -8.72 -4.16
N ARG A 53 -2.33 -8.59 -3.41
CA ARG A 53 -2.58 -7.38 -2.65
C ARG A 53 -1.59 -7.26 -1.51
N ILE A 54 -0.99 -6.08 -1.37
CA ILE A 54 -0.03 -5.85 -0.30
C ILE A 54 -0.37 -4.57 0.46
N GLY A 55 -1.55 -4.02 0.20
CA GLY A 55 -1.99 -2.82 0.88
C GLY A 55 -3.48 -2.60 0.68
N CYS A 56 -4.17 -2.23 1.76
CA CYS A 56 -5.59 -1.96 1.69
C CYS A 56 -6.03 -1.13 2.88
N GLY A 57 -6.42 0.11 2.63
CA GLY A 57 -6.85 1.00 3.72
C GLY A 57 -7.74 2.12 3.17
N LYS A 58 -8.27 2.94 4.08
CA LYS A 58 -9.13 4.06 3.67
C LYS A 58 -8.88 5.27 4.57
N GLY A 59 -9.21 6.45 4.06
CA GLY A 59 -9.01 7.67 4.82
C GLY A 59 -9.34 8.90 3.98
N PRO A 60 -9.10 10.07 4.50
CA PRO A 60 -9.39 11.35 3.78
C PRO A 60 -8.51 11.51 2.54
N SER A 61 -7.45 10.70 2.48
CA SER A 61 -6.55 10.74 1.35
C SER A 61 -5.98 9.36 1.09
N LYS A 62 -5.85 9.00 -0.19
CA LYS A 62 -5.32 7.71 -0.57
C LYS A 62 -3.81 7.68 -0.36
N LYS A 63 -3.17 8.82 -0.58
CA LYS A 63 -1.72 8.90 -0.43
C LYS A 63 -1.32 8.57 1.01
N GLN A 64 -1.98 9.21 1.97
CA GLN A 64 -1.68 8.97 3.37
C GLN A 64 -2.09 7.55 3.76
N ALA A 65 -3.21 7.09 3.23
CA ALA A 65 -3.73 5.76 3.54
C ALA A 65 -2.75 4.69 3.10
N LYS A 66 -1.92 5.02 2.12
CA LYS A 66 -0.96 4.05 1.62
C LYS A 66 -0.10 3.50 2.76
N MET A 67 0.33 4.40 3.65
CA MET A 67 1.20 4.00 4.75
C MET A 67 0.52 2.97 5.63
N GLY A 68 -0.72 3.28 6.01
CA GLY A 68 -1.49 2.38 6.85
C GLY A 68 -1.92 1.13 6.08
N ALA A 69 -2.30 1.32 4.83
CA ALA A 69 -2.76 0.21 4.00
C ALA A 69 -1.67 -0.85 3.86
N ALA A 70 -0.46 -0.41 3.52
CA ALA A 70 0.64 -1.35 3.36
C ALA A 70 0.94 -2.07 4.66
N MET A 71 1.05 -1.32 5.74
CA MET A 71 1.33 -1.91 7.04
C MET A 71 0.23 -2.88 7.44
N ASP A 72 -1.02 -2.47 7.25
CA ASP A 72 -2.16 -3.30 7.62
C ASP A 72 -2.13 -4.60 6.85
N ALA A 73 -2.02 -4.50 5.53
CA ALA A 73 -1.99 -5.69 4.68
C ALA A 73 -0.76 -6.54 4.98
N LEU A 74 0.38 -5.86 5.13
CA LEU A 74 1.62 -6.56 5.38
C LEU A 74 1.56 -7.31 6.71
N GLU A 75 1.04 -6.64 7.73
CA GLU A 75 0.96 -7.25 9.05
C GLU A 75 0.01 -8.44 9.06
N LYS A 76 -1.15 -8.27 8.47
CA LYS A 76 -2.15 -9.34 8.43
C LYS A 76 -1.83 -10.33 7.32
N TYR A 77 -0.95 -9.93 6.41
CA TYR A 77 -0.59 -10.78 5.29
C TYR A 77 0.76 -10.37 4.72
N ASN A 78 1.82 -10.98 5.22
CA ASN A 78 3.17 -10.69 4.75
C ASN A 78 3.61 -11.72 3.72
N PHE A 79 4.38 -11.29 2.74
CA PHE A 79 4.87 -12.18 1.70
C PHE A 79 6.11 -11.60 1.02
N PRO A 80 7.13 -11.34 1.78
CA PRO A 80 8.42 -10.78 1.25
C PRO A 80 9.17 -11.79 0.39
N GLN A 81 10.17 -11.30 -0.33
CA GLN A 81 10.96 -12.18 -1.19
C GLN A 81 11.85 -13.08 -0.34
N MET A 82 11.71 -14.39 -0.55
CA MET A 82 12.49 -15.37 0.20
C MET A 82 13.84 -15.61 -0.48
#